data_8H5C
#
_entry.id   8H5C
#
_cell.length_a   105.769
_cell.length_b   105.769
_cell.length_c   228.846
_cell.angle_alpha   90.000
_cell.angle_beta   90.000
_cell.angle_gamma   90.000
#
_symmetry.space_group_name_H-M   'P 41 21 2'
#
loop_
_entity.id
_entity.type
_entity.pdbx_description
1 polymer 'Processed angiotensin-converting enzyme 2'
2 polymer 'Spike protein S1'
3 branched 2-acetamido-2-deoxy-beta-D-glucopyranose-(1-4)-2-acetamido-2-deoxy-beta-D-glucopyranose
4 branched 2-acetamido-2-deoxy-beta-D-glucopyranose-(1-4)-[alpha-L-fucopyranose-(1-6)]2-acetamido-2-deoxy-beta-D-glucopyranose
5 non-polymer 'ZINC ION'
6 non-polymer 2-acetamido-2-deoxy-beta-D-glucopyranose
#
loop_
_entity_poly.entity_id
_entity_poly.type
_entity_poly.pdbx_seq_one_letter_code
_entity_poly.pdbx_strand_id
1 'polypeptide(L)'
;STIEEQAKTFLDKFNHEAEDLFYQSSLASWNYNTNITEENVQNMNNAGDKWSAFLKEQSTLAQMYPLQEIQNLTVKLQLQ
ALQQNGSSVLSEDKSKRLNTILNTMSTIYSTGKVCNPDNPQECLLLEPGLNEIMANSLDYNERLWAWESWRSEVGKQLRP
LYEEYVVLKNEMARANHYEDYGDYWRGDYEVNGVDGYDYSRGQLIEDVEHTFEEIKPLYEHLHAYVRAKLMNAYPSYISP
IGCLPAHLLGDMWGRFWTNLYSLTVPFGQKPNIDVTDAMVDQAWDAQRIFKEAEKFFVSVGLPNMTQGFWENSMLTDPGN
VQKAVCHPTAWDLGKGDFRILMCTKVTMDDFLTAHHEMGHIQYDMAYAAQPFLLRNGANEGFHEAVGEIMSLSAATPKHL
KSIGLLSPDFQEDNETEINFLLKQALTIVGTLPFTYMLEKWRWMVFKGEIPKDQWMKKWWEMKREIVGVVEPVPHDETYC
DPASLFHVSNDYSFIRYYTRTLYQFQFQEALCQAAKHEGPLHKCDISNSTEAGQKLFNMLRLGKSEPWTLALENVVGAKN
MNVRPLLNYFEPLFTWLKDQNKNSFVGWSTDWSPYA
;
A
2 'polypeptide(L)'
;TNLCPFHEVFNATRFASVYAWNRKRISNCVADYSVLYNFAPFFAFKCYGVSPTKLNDLCFTNVYADSFVIRGNEVSQIAP
GQTGNIADYNYKLPDDFTGCVIAWNSNKLDSKVSGNYNYLYRLFRKSKLKPFERDISTEIYQAGNKPCNGVAGFNCYFPL
QSYGFRPTYGVGHQPYRVVVLSFELLHAPATVCGP
;
B
#
# COMPACT_ATOMS: atom_id res chain seq x y z
N SER A 1 -30.77 -19.50 -10.60
CA SER A 1 -29.35 -19.24 -10.42
C SER A 1 -28.80 -18.36 -11.54
N THR A 2 -28.78 -17.05 -11.31
CA THR A 2 -28.25 -16.13 -12.30
C THR A 2 -26.73 -16.16 -12.31
N ILE A 3 -26.15 -15.68 -13.40
CA ILE A 3 -24.69 -15.62 -13.55
C ILE A 3 -24.07 -14.51 -12.69
N GLU A 4 -24.90 -13.71 -12.02
CA GLU A 4 -24.38 -12.76 -11.04
C GLU A 4 -24.16 -13.42 -9.69
N GLU A 5 -25.13 -14.22 -9.23
CA GLU A 5 -24.98 -14.90 -7.94
C GLU A 5 -23.92 -15.99 -8.00
N GLN A 6 -23.69 -16.57 -9.19
CA GLN A 6 -22.58 -17.50 -9.35
C GLN A 6 -21.24 -16.78 -9.18
N ALA A 7 -21.15 -15.52 -9.62
CA ALA A 7 -19.94 -14.73 -9.41
C ALA A 7 -19.82 -14.23 -7.98
N LYS A 8 -20.95 -13.92 -7.33
CA LYS A 8 -20.92 -13.60 -5.90
C LYS A 8 -20.27 -14.72 -5.12
N THR A 9 -20.64 -15.96 -5.43
CA THR A 9 -20.14 -17.13 -4.71
C THR A 9 -18.71 -17.48 -5.11
N PHE A 10 -18.34 -17.25 -6.38
CA PHE A 10 -16.96 -17.48 -6.80
C PHE A 10 -16.01 -16.52 -6.10
N LEU A 11 -16.45 -15.28 -5.88
CA LEU A 11 -15.63 -14.33 -5.13
C LEU A 11 -15.56 -14.68 -3.66
N ASP A 12 -16.65 -15.26 -3.11
CA ASP A 12 -16.64 -15.74 -1.74
C ASP A 12 -15.51 -16.73 -1.52
N LYS A 13 -15.47 -17.77 -2.35
CA LYS A 13 -14.41 -18.77 -2.29
C LYS A 13 -13.04 -18.12 -2.47
N PHE A 14 -12.92 -17.25 -3.48
CA PHE A 14 -11.63 -16.65 -3.80
C PHE A 14 -11.07 -15.90 -2.61
N ASN A 15 -11.88 -15.03 -2.00
CA ASN A 15 -11.38 -14.19 -0.91
C ASN A 15 -10.80 -15.05 0.20
N HIS A 16 -11.51 -16.10 0.62
CA HIS A 16 -11.08 -16.87 1.78
C HIS A 16 -9.79 -17.64 1.50
N GLU A 17 -9.64 -18.17 0.29
CA GLU A 17 -8.39 -18.84 -0.05
C GLU A 17 -7.26 -17.84 -0.27
N ALA A 18 -7.58 -16.67 -0.83
CA ALA A 18 -6.55 -15.68 -1.15
C ALA A 18 -5.91 -15.11 0.10
N GLU A 19 -6.72 -14.76 1.12
CA GLU A 19 -6.16 -14.19 2.34
C GLU A 19 -5.21 -15.17 3.02
N ASP A 20 -5.53 -16.47 2.97
CA ASP A 20 -4.63 -17.46 3.55
C ASP A 20 -3.36 -17.60 2.72
N LEU A 21 -3.50 -17.70 1.40
CA LEU A 21 -2.32 -17.88 0.55
C LEU A 21 -1.47 -16.61 0.48
N PHE A 22 -2.12 -15.44 0.40
CA PHE A 22 -1.37 -14.18 0.39
C PHE A 22 -0.61 -13.99 1.70
N TYR A 23 -1.21 -14.39 2.82
CA TYR A 23 -0.54 -14.26 4.11
C TYR A 23 0.75 -15.07 4.16
N GLN A 24 0.71 -16.31 3.66
CA GLN A 24 1.90 -17.15 3.67
C GLN A 24 2.99 -16.57 2.78
N SER A 25 2.62 -16.06 1.60
CA SER A 25 3.59 -15.41 0.74
C SER A 25 4.14 -14.14 1.39
N SER A 26 3.26 -13.34 2.02
CA SER A 26 3.69 -12.09 2.64
C SER A 26 4.61 -12.35 3.83
N LEU A 27 4.31 -13.37 4.62
CA LEU A 27 5.13 -13.67 5.79
C LEU A 27 6.46 -14.31 5.41
N ALA A 28 6.48 -15.13 4.36
CA ALA A 28 7.74 -15.66 3.85
C ALA A 28 8.62 -14.54 3.31
N SER A 29 8.02 -13.58 2.62
CA SER A 29 8.77 -12.41 2.17
C SER A 29 9.30 -11.61 3.36
N TRP A 30 8.50 -11.52 4.43
CA TRP A 30 8.93 -10.79 5.62
C TRP A 30 10.14 -11.45 6.26
N ASN A 31 10.14 -12.78 6.36
CA ASN A 31 11.23 -13.47 7.03
C ASN A 31 12.53 -13.38 6.23
N TYR A 32 12.46 -13.37 4.90
CA TYR A 32 13.66 -13.16 4.12
C TYR A 32 14.18 -11.73 4.28
N ASN A 33 13.28 -10.75 4.13
CA ASN A 33 13.70 -9.35 4.17
C ASN A 33 14.19 -8.93 5.54
N THR A 34 13.88 -9.68 6.59
CA THR A 34 14.36 -9.40 7.93
C THR A 34 15.45 -10.35 8.40
N ASN A 35 15.62 -11.49 7.75
CA ASN A 35 16.63 -12.49 8.12
C ASN A 35 17.06 -13.19 6.82
N ILE A 36 18.11 -12.67 6.22
CA ILE A 36 18.55 -13.12 4.89
C ILE A 36 19.35 -14.41 5.04
N THR A 37 18.78 -15.52 4.57
CA THR A 37 19.45 -16.80 4.56
C THR A 37 19.17 -17.47 3.22
N GLU A 38 19.84 -18.61 2.98
CA GLU A 38 19.51 -19.41 1.81
C GLU A 38 18.20 -20.17 1.99
N GLU A 39 17.85 -20.49 3.24
CA GLU A 39 16.59 -21.20 3.49
C GLU A 39 15.39 -20.28 3.32
N ASN A 40 15.44 -19.09 3.92
CA ASN A 40 14.30 -18.17 3.84
C ASN A 40 14.01 -17.76 2.40
N VAL A 41 15.05 -17.75 1.56
CA VAL A 41 14.83 -17.51 0.13
C VAL A 41 13.98 -18.62 -0.46
N GLN A 42 14.26 -19.88 -0.08
CA GLN A 42 13.50 -21.00 -0.61
C GLN A 42 12.01 -20.88 -0.27
N ASN A 43 11.70 -20.59 0.99
CA ASN A 43 10.31 -20.47 1.40
C ASN A 43 9.63 -19.29 0.70
N MET A 44 10.34 -18.17 0.59
CA MET A 44 9.75 -16.99 -0.04
C MET A 44 9.36 -17.26 -1.48
N ASN A 45 10.21 -17.99 -2.22
CA ASN A 45 9.89 -18.32 -3.60
C ASN A 45 8.83 -19.42 -3.68
N ASN A 46 8.87 -20.39 -2.76
CA ASN A 46 7.87 -21.46 -2.78
C ASN A 46 6.48 -20.92 -2.48
N ALA A 47 6.35 -20.09 -1.45
CA ALA A 47 5.06 -19.48 -1.14
C ALA A 47 4.64 -18.51 -2.23
N GLY A 48 5.59 -17.74 -2.77
CA GLY A 48 5.28 -16.87 -3.89
C GLY A 48 4.85 -17.64 -5.13
N ASP A 49 5.43 -18.83 -5.35
CA ASP A 49 5.04 -19.65 -6.48
C ASP A 49 3.59 -20.11 -6.34
N LYS A 50 3.21 -20.60 -5.16
CA LYS A 50 1.86 -21.10 -4.95
C LYS A 50 0.84 -19.97 -4.96
N TRP A 51 1.26 -18.75 -4.59
CA TRP A 51 0.35 -17.61 -4.66
C TRP A 51 0.13 -17.17 -6.10
N SER A 52 1.19 -17.13 -6.91
CA SER A 52 1.05 -16.79 -8.32
C SER A 52 0.25 -17.85 -9.07
N ALA A 53 0.53 -19.13 -8.80
CA ALA A 53 -0.20 -20.20 -9.47
C ALA A 53 -1.66 -20.21 -9.08
N PHE A 54 -1.96 -19.85 -7.83
CA PHE A 54 -3.35 -19.72 -7.42
C PHE A 54 -4.05 -18.61 -8.20
N LEU A 55 -3.38 -17.47 -8.38
CA LEU A 55 -3.99 -16.34 -9.09
C LEU A 55 -4.21 -16.66 -10.56
N LYS A 56 -3.20 -17.24 -11.22
CA LYS A 56 -3.35 -17.59 -12.63
C LYS A 56 -4.48 -18.59 -12.83
N GLU A 57 -4.61 -19.54 -11.91
CA GLU A 57 -5.74 -20.47 -11.95
C GLU A 57 -7.06 -19.75 -11.75
N GLN A 58 -7.09 -18.76 -10.84
CA GLN A 58 -8.34 -18.05 -10.58
C GLN A 58 -8.66 -17.01 -11.66
N SER A 59 -7.64 -16.45 -12.32
CA SER A 59 -7.91 -15.57 -13.46
C SER A 59 -8.59 -16.33 -14.58
N THR A 60 -8.15 -17.57 -14.85
CA THR A 60 -8.81 -18.39 -15.86
C THR A 60 -10.25 -18.68 -15.49
N LEU A 61 -10.49 -19.02 -14.22
CA LEU A 61 -11.86 -19.33 -13.78
C LEU A 61 -12.71 -18.08 -13.68
N ALA A 62 -12.09 -16.92 -13.41
CA ALA A 62 -12.86 -15.68 -13.36
C ALA A 62 -13.28 -15.22 -14.76
N GLN A 63 -12.50 -15.58 -15.77
CA GLN A 63 -12.82 -15.18 -17.14
C GLN A 63 -14.01 -15.96 -17.72
N MET A 64 -14.51 -16.97 -17.01
CA MET A 64 -15.70 -17.69 -17.44
C MET A 64 -16.99 -16.99 -17.05
N TYR A 65 -16.91 -15.86 -16.34
CA TYR A 65 -18.08 -15.09 -15.97
C TYR A 65 -18.11 -13.82 -16.80
N PRO A 66 -18.96 -13.74 -17.83
CA PRO A 66 -19.00 -12.52 -18.67
C PRO A 66 -19.29 -11.29 -17.83
N LEU A 67 -18.38 -10.31 -17.91
CA LEU A 67 -18.50 -9.12 -17.09
C LEU A 67 -19.79 -8.37 -17.38
N GLN A 68 -20.25 -8.37 -18.62
CA GLN A 68 -21.41 -7.58 -19.02
C GLN A 68 -22.70 -7.97 -18.29
N GLU A 69 -22.77 -9.20 -17.77
CA GLU A 69 -24.02 -9.71 -17.20
C GLU A 69 -24.22 -9.29 -15.74
N ILE A 70 -23.32 -8.51 -15.17
CA ILE A 70 -23.33 -8.19 -13.75
C ILE A 70 -23.76 -6.75 -13.57
N GLN A 71 -24.91 -6.56 -12.91
CA GLN A 71 -25.36 -5.21 -12.57
C GLN A 71 -24.52 -4.62 -11.45
N ASN A 72 -24.19 -5.43 -10.46
CA ASN A 72 -23.54 -4.96 -9.24
C ASN A 72 -22.14 -4.46 -9.54
N LEU A 73 -21.90 -3.16 -9.27
CA LEU A 73 -20.62 -2.56 -9.59
C LEU A 73 -19.49 -3.11 -8.73
N THR A 74 -19.78 -3.37 -7.44
CA THR A 74 -18.75 -3.94 -6.57
C THR A 74 -18.28 -5.29 -7.09
N VAL A 75 -19.23 -6.14 -7.49
CA VAL A 75 -18.88 -7.45 -8.05
C VAL A 75 -18.14 -7.28 -9.38
N LYS A 76 -18.61 -6.35 -10.22
CA LYS A 76 -17.96 -6.14 -11.51
C LYS A 76 -16.53 -5.67 -11.33
N LEU A 77 -16.29 -4.79 -10.35
CA LEU A 77 -14.92 -4.34 -10.07
C LEU A 77 -14.02 -5.50 -9.67
N GLN A 78 -14.52 -6.38 -8.80
CA GLN A 78 -13.70 -7.48 -8.30
C GLN A 78 -13.37 -8.48 -9.41
N LEU A 79 -14.37 -8.85 -10.21
CA LEU A 79 -14.10 -9.79 -11.31
C LEU A 79 -13.17 -9.17 -12.33
N GLN A 80 -13.34 -7.88 -12.61
CA GLN A 80 -12.48 -7.21 -13.60
C GLN A 80 -11.01 -7.25 -13.16
N ALA A 81 -10.74 -7.02 -11.88
CA ALA A 81 -9.37 -7.10 -11.40
C ALA A 81 -8.80 -8.50 -11.53
N LEU A 82 -9.63 -9.53 -11.35
CA LEU A 82 -9.17 -10.91 -11.49
C LEU A 82 -8.97 -11.30 -12.95
N GLN A 83 -9.71 -10.69 -13.87
CA GLN A 83 -9.61 -11.07 -15.27
C GLN A 83 -8.47 -10.35 -15.98
N GLN A 84 -8.24 -9.08 -15.63
CA GLN A 84 -7.11 -8.36 -16.21
C GLN A 84 -5.78 -8.73 -15.55
N ASN A 85 -5.81 -9.45 -14.43
CA ASN A 85 -4.60 -10.10 -13.91
C ASN A 85 -4.23 -11.33 -14.74
N GLY A 86 -4.91 -11.47 -15.87
CA GLY A 86 -4.61 -12.52 -16.82
C GLY A 86 -3.82 -12.02 -18.02
N SER A 87 -2.52 -12.31 -18.02
CA SER A 87 -1.73 -12.27 -19.24
C SER A 87 -1.68 -13.63 -19.92
N SER A 88 -2.68 -14.47 -19.67
CA SER A 88 -2.89 -15.68 -20.46
C SER A 88 -3.54 -15.26 -21.76
N VAL A 89 -2.91 -14.29 -22.43
CA VAL A 89 -3.45 -13.65 -23.61
C VAL A 89 -2.52 -13.79 -24.81
N LEU A 90 -1.21 -13.64 -24.58
CA LEU A 90 -0.22 -14.03 -25.57
C LEU A 90 -0.12 -15.56 -25.64
N SER A 91 0.54 -16.04 -26.69
CA SER A 91 0.89 -17.44 -26.74
C SER A 91 1.87 -17.78 -25.63
N GLU A 92 1.98 -19.06 -25.31
CA GLU A 92 2.94 -19.48 -24.30
C GLU A 92 4.37 -19.17 -24.72
N ASP A 93 4.63 -19.15 -26.03
CA ASP A 93 5.99 -18.89 -26.52
C ASP A 93 6.36 -17.42 -26.34
N LYS A 94 5.46 -16.50 -26.69
CA LYS A 94 5.76 -15.09 -26.53
C LYS A 94 5.72 -14.67 -25.07
N SER A 95 4.82 -15.29 -24.28
CA SER A 95 4.82 -15.03 -22.84
C SER A 95 6.14 -15.42 -22.22
N LYS A 96 6.70 -16.55 -22.63
CA LYS A 96 8.02 -16.95 -22.14
C LYS A 96 9.10 -15.98 -22.59
N ARG A 97 9.05 -15.56 -23.87
CA ARG A 97 10.07 -14.64 -24.39
C ARG A 97 10.03 -13.30 -23.66
N LEU A 98 8.83 -12.76 -23.44
CA LEU A 98 8.71 -11.46 -22.79
C LEU A 98 9.28 -11.49 -21.38
N ASN A 99 8.98 -12.55 -20.62
CA ASN A 99 9.54 -12.66 -19.28
C ASN A 99 11.06 -12.75 -19.34
N THR A 100 11.60 -13.53 -20.29
CA THR A 100 13.05 -13.61 -20.44
C THR A 100 13.66 -12.23 -20.66
N ILE A 101 13.05 -11.43 -21.53
CA ILE A 101 13.54 -10.07 -21.77
C ILE A 101 13.46 -9.24 -20.50
N LEU A 102 12.35 -9.33 -19.79
CA LEU A 102 12.18 -8.55 -18.55
C LEU A 102 13.26 -8.90 -17.54
N ASN A 103 13.61 -10.19 -17.43
CA ASN A 103 14.66 -10.59 -16.49
C ASN A 103 16.04 -10.14 -16.96
N THR A 104 16.29 -10.15 -18.27
CA THR A 104 17.60 -9.75 -18.77
C THR A 104 17.85 -8.26 -18.54
N MET A 105 16.87 -7.41 -18.87
CA MET A 105 17.01 -5.98 -18.64
C MET A 105 17.17 -5.70 -17.15
N SER A 106 16.41 -6.40 -16.31
CA SER A 106 16.54 -6.24 -14.86
C SER A 106 17.94 -6.64 -14.39
N THR A 107 18.45 -7.75 -14.91
CA THR A 107 19.79 -8.20 -14.53
C THR A 107 20.86 -7.21 -14.97
N ILE A 108 20.74 -6.68 -16.18
CA ILE A 108 21.72 -5.72 -16.68
C ILE A 108 21.72 -4.46 -15.83
N TYR A 109 20.53 -3.97 -15.46
CA TYR A 109 20.45 -2.77 -14.64
C TYR A 109 21.03 -3.01 -13.25
N SER A 110 20.77 -4.17 -12.66
CA SER A 110 21.19 -4.44 -11.29
C SER A 110 22.61 -4.94 -11.19
N THR A 111 23.16 -5.53 -12.26
CA THR A 111 24.51 -6.07 -12.22
C THR A 111 25.49 -5.36 -13.15
N GLY A 112 25.01 -4.54 -14.08
CA GLY A 112 25.92 -3.87 -14.99
C GLY A 112 26.83 -2.91 -14.25
N LYS A 113 28.08 -2.83 -14.69
CA LYS A 113 29.06 -1.97 -14.05
C LYS A 113 29.99 -1.38 -15.11
N VAL A 114 30.59 -0.25 -14.77
CA VAL A 114 31.54 0.46 -15.63
C VAL A 114 32.87 0.55 -14.90
N CYS A 115 33.95 0.57 -15.68
CA CYS A 115 35.29 0.57 -15.13
C CYS A 115 36.03 1.84 -15.51
N ASN A 116 36.89 2.28 -14.61
CA ASN A 116 37.53 3.58 -14.72
C ASN A 116 38.54 3.59 -15.87
N PRO A 117 38.60 4.68 -16.65
CA PRO A 117 39.51 4.70 -17.81
C PRO A 117 40.98 4.57 -17.45
N ASP A 118 41.40 5.15 -16.33
CA ASP A 118 42.79 4.97 -15.89
C ASP A 118 43.06 3.52 -15.52
N ASN A 119 42.19 2.95 -14.70
CA ASN A 119 42.42 1.64 -14.08
C ASN A 119 41.32 0.67 -14.49
N PRO A 120 41.60 -0.26 -15.43
CA PRO A 120 40.55 -1.18 -15.88
C PRO A 120 40.24 -2.27 -14.86
N GLN A 121 40.74 -2.11 -13.63
CA GLN A 121 40.47 -3.05 -12.56
C GLN A 121 39.59 -2.48 -11.45
N GLU A 122 39.51 -1.15 -11.33
CA GLU A 122 38.57 -0.51 -10.42
C GLU A 122 37.27 -0.24 -11.19
N CYS A 123 36.20 -0.92 -10.79
CA CYS A 123 34.93 -0.83 -11.47
C CYS A 123 33.84 -0.46 -10.46
N LEU A 124 32.69 -0.02 -10.98
CA LEU A 124 31.63 0.50 -10.14
C LEU A 124 30.27 0.10 -10.68
N LEU A 125 29.39 -0.31 -9.77
CA LEU A 125 27.98 -0.52 -10.09
C LEU A 125 27.24 0.81 -10.03
N LEU A 126 25.97 0.79 -10.44
CA LEU A 126 25.14 1.98 -10.30
C LEU A 126 24.93 2.32 -8.83
N GLU A 127 24.39 1.37 -8.07
CA GLU A 127 24.33 1.46 -6.62
C GLU A 127 25.35 0.50 -6.04
N PRO A 128 26.31 0.95 -5.23
CA PRO A 128 26.44 2.30 -4.67
C PRO A 128 27.40 3.27 -5.39
N GLY A 129 28.22 2.78 -6.32
CA GLY A 129 29.31 3.57 -6.85
C GLY A 129 28.94 4.78 -7.69
N LEU A 130 28.26 4.56 -8.80
CA LEU A 130 27.95 5.66 -9.72
C LEU A 130 27.00 6.67 -9.10
N ASN A 131 26.00 6.20 -8.35
CA ASN A 131 25.09 7.11 -7.66
C ASN A 131 25.83 8.02 -6.70
N GLU A 132 26.90 7.50 -6.08
CA GLU A 132 27.70 8.32 -5.16
C GLU A 132 28.34 9.49 -5.89
N ILE A 133 28.85 9.26 -7.09
CA ILE A 133 29.42 10.35 -7.88
C ILE A 133 28.37 11.37 -8.25
N MET A 134 27.20 10.91 -8.71
CA MET A 134 26.17 11.81 -9.22
C MET A 134 25.54 12.67 -8.14
N ALA A 135 25.60 12.24 -6.88
CA ALA A 135 24.98 12.98 -5.79
C ALA A 135 25.95 13.84 -4.99
N ASN A 136 27.25 13.56 -5.07
CA ASN A 136 28.21 14.21 -4.19
C ASN A 136 29.33 14.94 -4.92
N SER A 137 29.80 14.41 -6.05
CA SER A 137 30.93 15.01 -6.74
C SER A 137 30.58 16.36 -7.32
N LEU A 138 31.48 17.32 -7.16
CA LEU A 138 31.38 18.64 -7.78
C LEU A 138 32.28 18.77 -9.00
N ASP A 139 32.90 17.68 -9.43
CA ASP A 139 33.87 17.71 -10.53
C ASP A 139 33.15 17.41 -11.84
N TYR A 140 33.28 18.33 -12.80
CA TYR A 140 32.56 18.22 -14.08
C TYR A 140 32.90 16.91 -14.78
N ASN A 141 34.19 16.59 -14.92
CA ASN A 141 34.58 15.46 -15.74
C ASN A 141 34.21 14.13 -15.08
N GLU A 142 34.36 14.04 -13.75
CA GLU A 142 33.96 12.81 -13.06
C GLU A 142 32.46 12.57 -13.21
N ARG A 143 31.66 13.63 -13.10
CA ARG A 143 30.23 13.50 -13.34
C ARG A 143 29.93 13.17 -14.79
N LEU A 144 30.65 13.79 -15.72
CA LEU A 144 30.46 13.50 -17.13
C LEU A 144 30.83 12.06 -17.45
N TRP A 145 31.91 11.55 -16.86
CA TRP A 145 32.34 10.19 -17.14
C TRP A 145 31.30 9.17 -16.66
N ALA A 146 30.83 9.32 -15.42
CA ALA A 146 29.84 8.38 -14.89
C ALA A 146 28.54 8.45 -15.67
N TRP A 147 28.11 9.65 -16.03
CA TRP A 147 26.87 9.81 -16.79
C TRP A 147 26.97 9.12 -18.15
N GLU A 148 28.07 9.35 -18.86
CA GLU A 148 28.22 8.77 -20.20
C GLU A 148 28.52 7.28 -20.15
N SER A 149 29.35 6.85 -19.19
CA SER A 149 29.71 5.44 -19.11
C SER A 149 28.49 4.56 -18.85
N TRP A 150 27.60 5.00 -17.96
CA TRP A 150 26.39 4.24 -17.68
C TRP A 150 25.53 4.09 -18.93
N ARG A 151 25.37 5.16 -19.69
CA ARG A 151 24.50 5.12 -20.86
C ARG A 151 25.17 4.41 -22.04
N SER A 152 26.48 4.60 -22.23
CA SER A 152 27.15 4.04 -23.39
C SER A 152 27.53 2.57 -23.21
N GLU A 153 27.56 2.07 -21.98
CA GLU A 153 27.91 0.68 -21.72
C GLU A 153 26.71 -0.16 -21.33
N VAL A 154 25.96 0.27 -20.32
CA VAL A 154 24.78 -0.48 -19.89
C VAL A 154 23.58 -0.15 -20.78
N GLY A 155 23.44 1.12 -21.18
CA GLY A 155 22.30 1.51 -21.98
C GLY A 155 22.28 0.87 -23.35
N LYS A 156 23.46 0.73 -23.99
CA LYS A 156 23.51 0.13 -25.31
C LYS A 156 23.15 -1.35 -25.28
N GLN A 157 23.44 -2.04 -24.18
CA GLN A 157 23.00 -3.42 -24.04
C GLN A 157 21.48 -3.51 -24.03
N LEU A 158 20.81 -2.54 -23.40
CA LEU A 158 19.37 -2.55 -23.25
C LEU A 158 18.61 -2.13 -24.50
N ARG A 159 19.29 -1.52 -25.47
CA ARG A 159 18.57 -0.98 -26.64
C ARG A 159 17.86 -2.05 -27.45
N PRO A 160 18.50 -3.14 -27.89
CA PRO A 160 17.74 -4.15 -28.65
C PRO A 160 16.72 -4.89 -27.80
N LEU A 161 16.95 -5.01 -26.50
CA LEU A 161 15.97 -5.67 -25.63
C LEU A 161 14.71 -4.83 -25.48
N TYR A 162 14.86 -3.52 -25.33
CA TYR A 162 13.69 -2.65 -25.22
C TYR A 162 12.87 -2.65 -26.50
N GLU A 163 13.53 -2.76 -27.65
CA GLU A 163 12.81 -2.79 -28.93
C GLU A 163 11.90 -4.00 -29.01
N GLU A 164 12.38 -5.16 -28.58
CA GLU A 164 11.52 -6.34 -28.53
C GLU A 164 10.52 -6.26 -27.38
N TYR A 165 10.89 -5.60 -26.29
CA TYR A 165 9.97 -5.40 -25.17
C TYR A 165 8.77 -4.56 -25.59
N VAL A 166 9.01 -3.50 -26.38
CA VAL A 166 7.93 -2.65 -26.85
C VAL A 166 6.98 -3.45 -27.75
N VAL A 167 7.54 -4.29 -28.62
CA VAL A 167 6.70 -5.04 -29.56
C VAL A 167 5.79 -6.00 -28.81
N LEU A 168 6.35 -6.79 -27.89
CA LEU A 168 5.57 -7.84 -27.23
C LEU A 168 4.58 -7.25 -26.24
N LYS A 169 4.96 -6.19 -25.52
CA LYS A 169 4.03 -5.54 -24.61
C LYS A 169 2.88 -4.91 -25.37
N ASN A 170 3.12 -4.44 -26.59
CA ASN A 170 2.04 -3.91 -27.41
C ASN A 170 1.11 -5.02 -27.89
N GLU A 171 1.68 -6.17 -28.28
CA GLU A 171 0.84 -7.30 -28.65
C GLU A 171 -0.02 -7.76 -27.47
N MET A 172 0.56 -7.75 -26.27
CA MET A 172 -0.21 -8.06 -25.08
C MET A 172 -1.36 -7.08 -24.89
N ALA A 173 -1.08 -5.78 -25.07
CA ALA A 173 -2.10 -4.76 -24.82
C ALA A 173 -3.20 -4.79 -25.88
N ARG A 174 -2.82 -4.96 -27.16
CA ARG A 174 -3.82 -4.99 -28.21
CA ARG A 174 -3.81 -5.00 -28.23
C ARG A 174 -4.78 -6.16 -28.05
N ALA A 175 -4.25 -7.33 -27.69
CA ALA A 175 -5.11 -8.50 -27.50
C ALA A 175 -6.00 -8.34 -26.28
N ASN A 176 -5.62 -7.52 -25.30
CA ASN A 176 -6.49 -7.12 -24.20
C ASN A 176 -7.44 -5.99 -24.58
N HIS A 177 -7.50 -5.65 -25.87
CA HIS A 177 -8.42 -4.65 -26.42
C HIS A 177 -8.08 -3.23 -25.96
N TYR A 178 -6.80 -2.95 -25.74
CA TYR A 178 -6.30 -1.60 -25.58
C TYR A 178 -5.61 -1.16 -26.87
N GLU A 179 -5.47 0.15 -27.04
CA GLU A 179 -4.74 0.67 -28.19
C GLU A 179 -3.29 0.24 -28.17
N ASP A 180 -2.64 0.37 -27.02
CA ASP A 180 -1.22 0.06 -26.87
C ASP A 180 -0.93 -0.14 -25.39
N TYR A 181 0.33 -0.45 -25.08
CA TYR A 181 0.72 -0.69 -23.69
C TYR A 181 0.59 0.58 -22.86
N GLY A 182 0.80 1.75 -23.47
CA GLY A 182 0.55 3.00 -22.75
C GLY A 182 -0.91 3.18 -22.41
N ASP A 183 -1.81 2.81 -23.33
CA ASP A 183 -3.24 2.81 -23.04
C ASP A 183 -3.55 1.85 -21.90
N TYR A 184 -2.89 0.70 -21.89
CA TYR A 184 -3.04 -0.26 -20.79
C TYR A 184 -2.68 0.38 -19.45
N TRP A 185 -1.54 1.07 -19.40
CA TRP A 185 -1.09 1.68 -18.16
C TRP A 185 -2.06 2.75 -17.68
N ARG A 186 -2.62 3.53 -18.62
CA ARG A 186 -3.55 4.59 -18.26
C ARG A 186 -4.88 4.05 -17.75
N GLY A 187 -5.11 2.74 -17.87
CA GLY A 187 -6.35 2.15 -17.37
C GLY A 187 -6.50 2.17 -15.87
N ASP A 188 -5.43 2.44 -15.13
CA ASP A 188 -5.54 2.52 -13.67
C ASP A 188 -6.41 3.67 -13.22
N TYR A 189 -6.57 4.70 -14.06
CA TYR A 189 -7.41 5.85 -13.74
C TYR A 189 -8.78 5.79 -14.38
N GLU A 190 -9.10 4.71 -15.10
CA GLU A 190 -10.36 4.61 -15.82
C GLU A 190 -11.52 4.31 -14.87
N VAL A 191 -12.66 4.95 -15.13
CA VAL A 191 -13.89 4.73 -14.36
C VAL A 191 -15.04 4.62 -15.35
N ASN A 192 -15.94 3.65 -15.11
CA ASN A 192 -17.06 3.41 -16.01
C ASN A 192 -18.32 3.11 -15.19
N GLY A 193 -19.46 3.47 -15.78
CA GLY A 193 -20.75 3.07 -15.25
C GLY A 193 -21.25 3.85 -14.05
N VAL A 194 -20.57 4.94 -13.67
CA VAL A 194 -20.97 5.77 -12.54
C VAL A 194 -21.12 7.19 -13.05
N ASP A 195 -22.37 7.64 -13.20
CA ASP A 195 -22.63 8.95 -13.79
C ASP A 195 -22.07 10.06 -12.92
N GLY A 196 -21.37 11.01 -13.54
CA GLY A 196 -20.76 12.11 -12.83
C GLY A 196 -19.41 11.82 -12.22
N TYR A 197 -18.92 10.57 -12.32
CA TYR A 197 -17.62 10.21 -11.78
C TYR A 197 -16.79 9.42 -12.80
N ASP A 198 -17.28 9.27 -14.02
CA ASP A 198 -16.55 8.54 -15.05
C ASP A 198 -15.24 9.25 -15.39
N TYR A 199 -14.30 8.46 -15.89
CA TYR A 199 -12.99 8.99 -16.30
C TYR A 199 -12.43 8.07 -17.38
N SER A 200 -12.08 8.63 -18.52
CA SER A 200 -11.56 7.86 -19.63
C SER A 200 -10.04 7.84 -19.60
N ARG A 201 -9.46 6.91 -20.37
CA ARG A 201 -8.00 6.80 -20.43
C ARG A 201 -7.40 7.95 -21.21
N GLY A 202 -8.06 8.40 -22.28
CA GLY A 202 -7.59 9.56 -23.01
C GLY A 202 -7.65 10.84 -22.19
N GLN A 203 -8.55 10.89 -21.21
CA GLN A 203 -8.68 12.09 -20.38
C GLN A 203 -7.44 12.33 -19.54
N LEU A 204 -6.75 11.26 -19.13
CA LEU A 204 -5.56 11.43 -18.30
C LEU A 204 -4.48 12.21 -19.03
N ILE A 205 -4.29 11.94 -20.32
CA ILE A 205 -3.31 12.68 -21.10
C ILE A 205 -3.66 14.17 -21.12
N GLU A 206 -4.94 14.49 -21.32
CA GLU A 206 -5.34 15.88 -21.42
C GLU A 206 -5.23 16.59 -20.07
N ASP A 207 -5.53 15.90 -18.98
CA ASP A 207 -5.44 16.52 -17.66
C ASP A 207 -4.00 16.65 -17.18
N VAL A 208 -3.13 15.69 -17.52
CA VAL A 208 -1.70 15.85 -17.22
C VAL A 208 -1.14 17.03 -17.98
N GLU A 209 -1.50 17.17 -19.26
CA GLU A 209 -0.98 18.26 -20.07
C GLU A 209 -1.58 19.60 -19.67
N HIS A 210 -2.88 19.62 -19.33
CA HIS A 210 -3.50 20.87 -18.88
CA HIS A 210 -3.50 20.88 -18.89
C HIS A 210 -2.89 21.35 -17.58
N THR A 211 -2.68 20.44 -16.63
CA THR A 211 -2.09 20.86 -15.35
C THR A 211 -0.61 21.21 -15.50
N PHE A 212 0.10 20.55 -16.41
CA PHE A 212 1.52 20.85 -16.58
C PHE A 212 1.75 22.26 -17.11
N GLU A 213 0.84 22.77 -17.93
CA GLU A 213 0.98 24.13 -18.44
C GLU A 213 1.04 25.15 -17.30
N GLU A 214 0.22 24.93 -16.27
CA GLU A 214 0.21 25.84 -15.12
C GLU A 214 1.44 25.67 -14.24
N ILE A 215 2.19 24.58 -14.40
CA ILE A 215 3.43 24.40 -13.66
C ILE A 215 4.58 25.16 -14.32
N LYS A 216 4.54 25.32 -15.64
CA LYS A 216 5.66 25.86 -16.40
C LYS A 216 6.20 27.18 -15.85
N PRO A 217 5.37 28.18 -15.49
CA PRO A 217 5.94 29.41 -14.92
C PRO A 217 6.81 29.15 -13.69
N LEU A 218 6.33 28.33 -12.74
CA LEU A 218 7.11 28.04 -11.55
C LEU A 218 8.40 27.29 -11.91
N TYR A 219 8.30 26.33 -12.83
CA TYR A 219 9.48 25.57 -13.22
C TYR A 219 10.50 26.45 -13.94
N GLU A 220 10.04 27.30 -14.86
CA GLU A 220 10.96 28.13 -15.63
C GLU A 220 11.73 29.09 -14.73
N HIS A 221 11.12 29.54 -13.63
CA HIS A 221 11.84 30.41 -12.70
C HIS A 221 12.75 29.62 -11.78
N LEU A 222 12.33 28.41 -11.37
CA LEU A 222 13.23 27.52 -10.66
C LEU A 222 14.41 27.14 -11.53
N HIS A 223 14.16 26.83 -12.81
CA HIS A 223 15.22 26.49 -13.74
C HIS A 223 16.18 27.66 -13.94
N ALA A 224 15.64 28.89 -14.05
CA ALA A 224 16.48 30.06 -14.25
C ALA A 224 17.37 30.30 -13.04
N TYR A 225 16.80 30.23 -11.83
CA TYR A 225 17.59 30.45 -10.63
C TYR A 225 18.66 29.37 -10.46
N VAL A 226 18.31 28.11 -10.71
CA VAL A 226 19.28 27.03 -10.59
C VAL A 226 20.39 27.20 -11.62
N ARG A 227 20.03 27.56 -12.85
CA ARG A 227 21.03 27.77 -13.89
C ARG A 227 21.95 28.93 -13.54
N ALA A 228 21.39 30.02 -13.02
CA ALA A 228 22.20 31.18 -12.65
C ALA A 228 23.19 30.84 -11.55
N LYS A 229 22.76 30.06 -10.55
CA LYS A 229 23.68 29.66 -9.49
C LYS A 229 24.74 28.69 -10.01
N LEU A 230 24.33 27.71 -10.82
CA LEU A 230 25.29 26.75 -11.37
C LEU A 230 26.30 27.41 -12.27
N MET A 231 25.88 28.44 -13.02
CA MET A 231 26.81 29.16 -13.88
C MET A 231 27.91 29.85 -13.08
N ASN A 232 27.59 30.33 -11.87
CA ASN A 232 28.62 30.92 -11.02
C ASN A 232 29.67 29.87 -10.64
N ALA A 233 29.23 28.66 -10.33
CA ALA A 233 30.16 27.60 -9.94
C ALA A 233 30.88 26.99 -11.14
N TYR A 234 30.26 26.99 -12.32
CA TYR A 234 30.83 26.39 -13.52
C TYR A 234 30.75 27.40 -14.66
N PRO A 235 31.57 28.46 -14.61
CA PRO A 235 31.42 29.55 -15.58
C PRO A 235 31.67 29.13 -17.02
N SER A 236 32.60 28.23 -17.27
CA SER A 236 32.96 27.84 -18.62
C SER A 236 32.06 26.75 -19.20
N TYR A 237 31.23 26.12 -18.36
CA TYR A 237 30.47 24.95 -18.77
C TYR A 237 28.99 25.21 -19.03
N ILE A 238 28.46 26.33 -18.59
CA ILE A 238 27.01 26.56 -18.60
C ILE A 238 26.71 27.89 -19.28
N SER A 239 25.84 27.84 -20.29
CA SER A 239 25.36 29.03 -20.96
C SER A 239 24.25 29.70 -20.15
N PRO A 240 24.17 31.04 -20.19
CA PRO A 240 23.13 31.73 -19.44
C PRO A 240 21.75 31.67 -20.07
N ILE A 241 21.62 31.11 -21.28
CA ILE A 241 20.34 30.97 -21.94
C ILE A 241 20.07 29.55 -22.40
N GLY A 242 21.02 28.62 -22.20
CA GLY A 242 20.86 27.26 -22.66
C GLY A 242 20.26 26.35 -21.60
N CYS A 243 20.06 25.09 -21.99
CA CYS A 243 19.58 24.09 -21.06
C CYS A 243 20.69 23.69 -20.09
N LEU A 244 20.29 23.08 -18.99
CA LEU A 244 21.25 22.56 -18.02
C LEU A 244 21.84 21.25 -18.54
N PRO A 245 23.16 21.08 -18.49
CA PRO A 245 23.75 19.78 -18.84
C PRO A 245 23.21 18.67 -17.94
N ALA A 246 22.98 17.51 -18.54
CA ALA A 246 22.24 16.44 -17.87
C ALA A 246 23.02 15.81 -16.73
N HIS A 247 24.35 15.99 -16.67
CA HIS A 247 25.17 15.35 -15.65
C HIS A 247 25.46 16.24 -14.47
N LEU A 248 24.83 17.42 -14.39
CA LEU A 248 25.06 18.38 -13.31
C LEU A 248 23.80 18.63 -12.51
N LEU A 249 22.94 17.62 -12.38
CA LEU A 249 21.59 17.82 -11.86
C LEU A 249 21.34 17.18 -10.49
N GLY A 250 22.30 16.46 -9.93
CA GLY A 250 22.20 15.93 -8.59
C GLY A 250 22.05 14.42 -8.50
N ASP A 251 21.60 13.76 -9.57
CA ASP A 251 21.63 12.30 -9.61
C ASP A 251 21.91 11.87 -11.05
N MET A 252 21.78 10.56 -11.28
CA MET A 252 22.19 9.97 -12.57
C MET A 252 21.32 10.44 -13.73
N TRP A 253 20.09 10.86 -13.48
CA TRP A 253 19.18 11.23 -14.56
C TRP A 253 18.59 12.63 -14.42
N GLY A 254 18.77 13.30 -13.30
CA GLY A 254 18.04 14.52 -13.05
C GLY A 254 16.60 14.31 -12.68
N ARG A 255 16.24 13.11 -12.21
CA ARG A 255 14.89 12.88 -11.73
C ARG A 255 14.57 13.80 -10.56
N PHE A 256 15.52 14.00 -9.66
CA PHE A 256 15.40 14.95 -8.57
C PHE A 256 16.58 15.91 -8.61
N TRP A 257 16.31 17.17 -8.23
CA TRP A 257 17.34 18.18 -8.10
C TRP A 257 17.73 18.40 -6.63
N THR A 258 17.47 17.42 -5.77
CA THR A 258 17.69 17.60 -4.35
C THR A 258 19.14 17.94 -4.03
N ASN A 259 20.07 17.25 -4.67
CA ASN A 259 21.49 17.39 -4.35
C ASN A 259 22.12 18.66 -4.89
N LEU A 260 21.35 19.51 -5.56
CA LEU A 260 21.82 20.83 -6.00
C LEU A 260 21.66 21.89 -4.92
N TYR A 261 21.14 21.51 -3.74
CA TYR A 261 20.84 22.51 -2.71
C TYR A 261 22.09 23.21 -2.23
N SER A 262 23.21 22.49 -2.11
CA SER A 262 24.43 23.10 -1.58
C SER A 262 24.91 24.24 -2.46
N LEU A 263 24.80 24.09 -3.78
CA LEU A 263 25.23 25.13 -4.70
C LEU A 263 24.16 26.16 -5.01
N THR A 264 22.90 25.88 -4.70
CA THR A 264 21.79 26.77 -5.04
C THR A 264 21.11 27.37 -3.81
N VAL A 265 21.62 27.13 -2.61
CA VAL A 265 20.95 27.55 -1.39
C VAL A 265 20.83 29.08 -1.38
N PRO A 266 19.62 29.62 -1.24
CA PRO A 266 19.44 31.08 -1.29
C PRO A 266 20.22 31.82 -0.22
N PHE A 267 19.99 31.47 1.04
CA PHE A 267 20.62 32.12 2.18
C PHE A 267 21.43 31.05 2.93
N GLY A 268 22.67 30.84 2.48
CA GLY A 268 23.51 29.82 3.05
C GLY A 268 24.04 30.12 4.43
N GLN A 269 23.77 31.31 4.97
CA GLN A 269 24.26 31.65 6.30
C GLN A 269 23.41 31.05 7.41
N LYS A 270 22.08 30.89 7.18
CA LYS A 270 21.09 30.32 8.11
C LYS A 270 21.24 28.80 8.09
N PRO A 271 20.83 28.13 9.18
CA PRO A 271 20.79 26.66 9.18
C PRO A 271 19.56 26.01 8.58
N ASN A 272 19.70 24.73 8.29
CA ASN A 272 18.51 23.93 8.13
C ASN A 272 18.08 23.44 9.51
N ILE A 273 16.79 23.54 9.76
CA ILE A 273 16.25 23.04 11.03
C ILE A 273 16.54 21.54 11.08
N ASP A 274 17.40 21.13 12.01
CA ASP A 274 17.79 19.73 12.16
C ASP A 274 17.71 19.38 13.63
N VAL A 275 16.69 18.61 14.00
CA VAL A 275 16.45 18.26 15.39
C VAL A 275 17.13 16.94 15.73
N THR A 276 17.96 16.44 14.82
CA THR A 276 18.71 15.21 15.09
C THR A 276 19.51 15.35 16.36
N ASP A 277 20.15 16.50 16.57
CA ASP A 277 20.91 16.73 17.79
C ASP A 277 20.01 16.67 19.03
N ALA A 278 18.88 17.37 18.99
CA ALA A 278 17.99 17.41 20.16
C ALA A 278 17.42 16.03 20.47
N MET A 279 17.19 15.21 19.45
CA MET A 279 16.69 13.86 19.69
C MET A 279 17.73 13.01 20.42
N VAL A 280 18.99 13.08 19.98
CA VAL A 280 20.05 12.37 20.70
C VAL A 280 20.24 12.96 22.09
N ASP A 281 20.06 14.28 22.23
CA ASP A 281 20.21 14.91 23.55
C ASP A 281 19.24 14.32 24.56
N GLN A 282 17.98 14.18 24.16
CA GLN A 282 16.93 13.65 25.04
C GLN A 282 16.87 12.14 25.02
N ALA A 283 17.86 11.48 24.39
CA ALA A 283 18.01 10.03 24.42
C ALA A 283 16.81 9.31 23.80
N TRP A 284 16.38 9.80 22.64
CA TRP A 284 15.37 9.10 21.87
C TRP A 284 15.94 7.83 21.27
N ASP A 285 15.06 6.85 21.04
CA ASP A 285 15.39 5.66 20.28
C ASP A 285 14.28 5.42 19.26
N ALA A 286 14.37 4.31 18.53
CA ALA A 286 13.38 4.02 17.50
C ALA A 286 12.00 3.83 18.11
N GLN A 287 11.94 3.24 19.31
CA GLN A 287 10.66 3.06 19.99
C GLN A 287 9.99 4.41 20.23
N ARG A 288 10.74 5.38 20.74
CA ARG A 288 10.19 6.71 21.01
C ARG A 288 9.73 7.37 19.71
N ILE A 289 10.47 7.16 18.62
CA ILE A 289 10.11 7.78 17.34
C ILE A 289 8.76 7.28 16.85
N PHE A 290 8.54 5.97 16.92
CA PHE A 290 7.28 5.41 16.44
C PHE A 290 6.14 5.64 17.45
N LYS A 291 6.46 5.71 18.74
CA LYS A 291 5.44 6.11 19.71
C LYS A 291 4.97 7.53 19.44
N GLU A 292 5.89 8.43 19.09
CA GLU A 292 5.52 9.80 18.75
C GLU A 292 4.68 9.83 17.48
N ALA A 293 5.06 9.05 16.46
CA ALA A 293 4.29 9.00 15.23
C ALA A 293 2.89 8.46 15.50
N GLU A 294 2.79 7.43 16.33
CA GLU A 294 1.49 6.89 16.73
C GLU A 294 0.65 7.96 17.43
N LYS A 295 1.29 8.77 18.27
CA LYS A 295 0.58 9.84 18.96
C LYS A 295 0.01 10.85 17.98
N PHE A 296 0.74 11.13 16.90
CA PHE A 296 0.28 12.10 15.91
C PHE A 296 -1.04 11.67 15.28
N PHE A 297 -1.11 10.41 14.85
CA PHE A 297 -2.33 9.92 14.20
C PHE A 297 -3.49 9.82 15.18
N VAL A 298 -3.21 9.51 16.45
CA VAL A 298 -4.26 9.50 17.46
C VAL A 298 -4.84 10.90 17.63
N SER A 299 -3.98 11.92 17.59
CA SER A 299 -4.42 13.29 17.84
C SER A 299 -5.42 13.78 16.80
N VAL A 300 -5.50 13.15 15.63
CA VAL A 300 -6.47 13.53 14.61
C VAL A 300 -7.66 12.57 14.59
N GLY A 301 -7.72 11.59 15.48
CA GLY A 301 -8.85 10.70 15.60
C GLY A 301 -8.64 9.31 15.04
N LEU A 302 -7.51 9.05 14.39
CA LEU A 302 -7.22 7.73 13.85
C LEU A 302 -6.80 6.77 14.97
N PRO A 303 -7.06 5.48 14.80
CA PRO A 303 -6.75 4.51 15.88
C PRO A 303 -5.25 4.35 16.08
N ASN A 304 -4.89 3.86 17.26
CA ASN A 304 -3.49 3.58 17.53
C ASN A 304 -3.09 2.23 16.91
N MET A 305 -1.80 1.97 16.90
CA MET A 305 -1.27 0.77 16.29
C MET A 305 -1.76 -0.47 17.03
N THR A 306 -1.96 -1.55 16.28
CA THR A 306 -2.40 -2.80 16.90
C THR A 306 -1.31 -3.37 17.79
N GLN A 307 -1.69 -4.32 18.64
CA GLN A 307 -0.72 -4.96 19.54
C GLN A 307 0.32 -5.74 18.75
N GLY A 308 -0.09 -6.38 17.66
CA GLY A 308 0.85 -7.11 16.84
C GLY A 308 1.85 -6.23 16.10
N PHE A 309 1.51 -4.95 15.89
CA PHE A 309 2.45 -4.03 15.29
C PHE A 309 3.72 -3.91 16.12
N TRP A 310 3.57 -3.71 17.43
CA TRP A 310 4.74 -3.55 18.29
C TRP A 310 5.50 -4.86 18.48
N GLU A 311 4.80 -5.99 18.37
CA GLU A 311 5.45 -7.28 18.57
C GLU A 311 6.19 -7.74 17.32
N ASN A 312 5.53 -7.69 16.17
CA ASN A 312 6.06 -8.32 14.96
C ASN A 312 6.90 -7.40 14.09
N SER A 313 6.86 -6.08 14.31
CA SER A 313 7.61 -5.18 13.46
C SER A 313 9.10 -5.24 13.80
N MET A 314 9.91 -4.79 12.83
CA MET A 314 11.34 -4.58 13.02
C MET A 314 11.61 -3.10 12.84
N LEU A 315 11.85 -2.40 13.95
CA LEU A 315 12.06 -0.96 13.93
C LEU A 315 13.52 -0.56 14.10
N THR A 316 14.43 -1.52 14.22
CA THR A 316 15.85 -1.24 14.31
C THR A 316 16.62 -2.28 13.52
N ASP A 317 17.84 -1.92 13.14
CA ASP A 317 18.72 -2.89 12.50
C ASP A 317 19.05 -3.99 13.49
N PRO A 318 18.76 -5.26 13.18
CA PRO A 318 19.19 -6.34 14.07
C PRO A 318 20.69 -6.46 14.15
N GLY A 319 21.43 -5.87 13.21
CA GLY A 319 22.87 -5.78 13.17
C GLY A 319 23.54 -7.14 13.23
N ASN A 320 24.82 -7.10 13.59
CA ASN A 320 25.63 -8.30 13.88
C ASN A 320 25.60 -9.19 12.64
N VAL A 321 25.31 -10.49 12.78
CA VAL A 321 25.33 -11.39 11.64
C VAL A 321 24.04 -11.27 10.82
N GLN A 322 22.90 -11.12 11.49
CA GLN A 322 21.62 -11.09 10.81
C GLN A 322 21.50 -9.86 9.94
N LYS A 323 21.47 -10.06 8.62
CA LYS A 323 21.28 -8.98 7.67
C LYS A 323 19.80 -8.84 7.32
N ALA A 324 19.42 -7.64 6.89
CA ALA A 324 18.05 -7.36 6.50
C ALA A 324 18.04 -6.33 5.38
N VAL A 325 17.00 -6.38 4.56
CA VAL A 325 16.79 -5.36 3.53
C VAL A 325 16.20 -4.14 4.22
N CYS A 326 17.02 -3.11 4.41
CA CYS A 326 16.69 -2.00 5.29
C CYS A 326 15.84 -0.91 4.61
N HIS A 327 15.41 -1.13 3.38
CA HIS A 327 14.55 -0.16 2.71
C HIS A 327 13.26 0.00 3.52
N PRO A 328 12.92 1.22 3.93
CA PRO A 328 11.73 1.40 4.79
C PRO A 328 10.46 1.10 4.03
N THR A 329 9.71 0.10 4.51
CA THR A 329 8.48 -0.33 3.89
C THR A 329 7.45 -0.65 4.96
N ALA A 330 6.18 -0.47 4.61
CA ALA A 330 5.06 -0.80 5.49
C ALA A 330 4.37 -2.04 4.94
N TRP A 331 4.13 -3.02 5.82
CA TRP A 331 3.62 -4.32 5.43
C TRP A 331 2.17 -4.47 5.87
N ASP A 332 1.30 -4.84 4.93
CA ASP A 332 -0.09 -5.19 5.20
C ASP A 332 -0.23 -6.66 4.80
N LEU A 333 0.11 -7.56 5.74
CA LEU A 333 0.12 -8.99 5.44
C LEU A 333 -1.29 -9.56 5.36
N GLY A 334 -2.29 -8.85 5.89
CA GLY A 334 -3.64 -9.36 5.97
C GLY A 334 -3.93 -10.07 7.29
N LYS A 335 -5.20 -10.36 7.49
CA LYS A 335 -5.68 -11.04 8.70
C LYS A 335 -5.26 -10.30 9.97
N GLY A 336 -5.30 -8.98 9.91
CA GLY A 336 -5.02 -8.13 11.06
C GLY A 336 -3.56 -7.88 11.36
N ASP A 337 -2.65 -8.43 10.55
CA ASP A 337 -1.21 -8.30 10.81
C ASP A 337 -0.68 -7.10 10.03
N PHE A 338 -0.25 -6.07 10.76
CA PHE A 338 0.34 -4.87 10.18
C PHE A 338 1.72 -4.66 10.78
N ARG A 339 2.71 -4.42 9.93
CA ARG A 339 4.09 -4.31 10.38
C ARG A 339 4.80 -3.19 9.62
N ILE A 340 5.88 -2.70 10.23
CA ILE A 340 6.79 -1.75 9.58
C ILE A 340 8.19 -2.32 9.69
N LEU A 341 8.86 -2.45 8.55
CA LEU A 341 10.26 -2.85 8.49
C LEU A 341 11.09 -1.59 8.24
N MET A 342 12.01 -1.29 9.16
CA MET A 342 12.79 -0.07 9.06
C MET A 342 13.99 -0.17 10.00
N CYS A 343 15.19 0.03 9.45
CA CYS A 343 16.42 0.04 10.25
C CYS A 343 16.63 1.46 10.75
N THR A 344 15.86 1.82 11.77
CA THR A 344 15.77 3.21 12.19
C THR A 344 17.03 3.64 12.94
N LYS A 345 17.57 4.79 12.53
CA LYS A 345 18.60 5.51 13.26
C LYS A 345 17.96 6.75 13.87
N VAL A 346 18.61 7.31 14.89
CA VAL A 346 18.03 8.44 15.63
C VAL A 346 18.42 9.69 14.86
N THR A 347 17.64 9.98 13.82
CA THR A 347 17.85 11.15 12.96
C THR A 347 16.50 11.76 12.63
N MET A 348 16.51 13.05 12.29
CA MET A 348 15.29 13.72 11.84
C MET A 348 14.80 13.13 10.53
N ASP A 349 15.70 12.66 9.67
CA ASP A 349 15.28 12.04 8.42
C ASP A 349 14.44 10.80 8.68
N ASP A 350 14.87 9.96 9.62
CA ASP A 350 14.13 8.74 9.94
C ASP A 350 12.90 9.03 10.79
N PHE A 351 12.92 10.11 11.58
CA PHE A 351 11.73 10.49 12.34
C PHE A 351 10.58 10.85 11.40
N LEU A 352 10.87 11.58 10.32
CA LEU A 352 9.85 11.89 9.33
C LEU A 352 9.42 10.64 8.57
N THR A 353 10.38 9.78 8.22
CA THR A 353 10.06 8.56 7.48
C THR A 353 9.12 7.66 8.27
N ALA A 354 9.21 7.69 9.60
CA ALA A 354 8.29 6.91 10.42
C ALA A 354 6.85 7.38 10.24
N HIS A 355 6.63 8.70 10.24
CA HIS A 355 5.29 9.24 10.03
C HIS A 355 4.79 8.89 8.64
N HIS A 356 5.67 8.91 7.64
CA HIS A 356 5.29 8.56 6.28
C HIS A 356 4.84 7.10 6.20
N GLU A 357 5.65 6.19 6.75
CA GLU A 357 5.32 4.77 6.64
C GLU A 357 4.12 4.40 7.50
N MET A 358 4.00 5.01 8.68
CA MET A 358 2.81 4.77 9.50
C MET A 358 1.56 5.31 8.84
N GLY A 359 1.70 6.34 7.99
CA GLY A 359 0.57 6.78 7.18
C GLY A 359 0.10 5.70 6.22
N HIS A 360 1.03 4.96 5.62
CA HIS A 360 0.66 3.81 4.82
C HIS A 360 -0.13 2.79 5.63
N ILE A 361 0.33 2.51 6.86
CA ILE A 361 -0.36 1.53 7.69
C ILE A 361 -1.78 2.00 8.00
N GLN A 362 -1.95 3.30 8.28
CA GLN A 362 -3.28 3.83 8.55
C GLN A 362 -4.20 3.61 7.36
N TYR A 363 -3.70 3.84 6.15
CA TYR A 363 -4.47 3.53 4.95
C TYR A 363 -4.76 2.04 4.87
N ASP A 364 -3.77 1.20 5.17
CA ASP A 364 -3.98 -0.25 5.13
C ASP A 364 -5.04 -0.69 6.13
N MET A 365 -4.98 -0.14 7.35
CA MET A 365 -5.95 -0.53 8.38
C MET A 365 -7.35 0.00 8.05
N ALA A 366 -7.44 1.13 7.36
CA ALA A 366 -8.74 1.77 7.16
C ALA A 366 -9.58 1.03 6.13
N TYR A 367 -8.96 0.50 5.07
CA TYR A 367 -9.68 -0.27 4.08
C TYR A 367 -9.56 -1.78 4.33
N ALA A 368 -9.14 -2.18 5.53
CA ALA A 368 -8.99 -3.60 5.82
C ALA A 368 -10.33 -4.33 5.79
N ALA A 369 -11.43 -3.63 6.04
CA ALA A 369 -12.74 -4.25 6.05
C ALA A 369 -13.34 -4.43 4.67
N GLN A 370 -12.68 -3.90 3.63
CA GLN A 370 -13.13 -4.11 2.26
C GLN A 370 -12.80 -5.52 1.80
N PRO A 371 -13.43 -5.99 0.72
CA PRO A 371 -13.03 -7.27 0.12
C PRO A 371 -11.57 -7.22 -0.30
N PHE A 372 -10.94 -8.40 -0.31
CA PHE A 372 -9.51 -8.52 -0.55
C PHE A 372 -9.09 -7.79 -1.82
N LEU A 373 -9.89 -7.89 -2.88
CA LEU A 373 -9.52 -7.31 -4.16
C LEU A 373 -9.64 -5.80 -4.20
N LEU A 374 -10.30 -5.18 -3.22
CA LEU A 374 -10.45 -3.73 -3.17
C LEU A 374 -9.63 -3.09 -2.06
N ARG A 375 -8.62 -3.81 -1.55
CA ARG A 375 -7.76 -3.30 -0.49
C ARG A 375 -6.51 -2.69 -1.12
N ASN A 376 -6.67 -1.47 -1.62
CA ASN A 376 -5.58 -0.73 -2.22
C ASN A 376 -5.98 0.73 -2.25
N GLY A 377 -5.01 1.61 -2.51
CA GLY A 377 -5.32 3.00 -2.73
C GLY A 377 -6.29 3.17 -3.89
N ALA A 378 -6.99 4.32 -3.90
CA ALA A 378 -8.00 4.55 -4.92
C ALA A 378 -7.42 4.41 -6.33
N ASN A 379 -6.25 4.99 -6.55
CA ASN A 379 -5.46 4.71 -7.74
C ASN A 379 -3.99 4.65 -7.33
N GLU A 380 -3.10 4.53 -8.31
CA GLU A 380 -1.68 4.29 -8.03
C GLU A 380 -1.03 5.44 -7.28
N GLY A 381 -1.62 6.64 -7.30
CA GLY A 381 -1.01 7.78 -6.65
C GLY A 381 -1.53 8.08 -5.26
N PHE A 382 -2.61 7.42 -4.85
CA PHE A 382 -3.26 7.76 -3.59
C PHE A 382 -2.41 7.34 -2.39
N HIS A 383 -1.92 6.10 -2.40
CA HIS A 383 -1.23 5.56 -1.23
C HIS A 383 0.04 6.35 -0.92
N GLU A 384 0.79 6.72 -1.96
CA GLU A 384 2.01 7.49 -1.75
C GLU A 384 1.69 8.94 -1.34
N ALA A 385 0.60 9.50 -1.86
CA ALA A 385 0.22 10.86 -1.49
C ALA A 385 -0.14 10.93 -0.01
N VAL A 386 -0.81 9.90 0.52
CA VAL A 386 -1.16 9.87 1.93
C VAL A 386 0.09 9.88 2.80
N GLY A 387 1.10 9.09 2.42
CA GLY A 387 2.32 9.03 3.20
C GLY A 387 3.08 10.35 3.20
N GLU A 388 3.07 11.06 2.07
CA GLU A 388 3.85 12.29 1.95
C GLU A 388 3.33 13.39 2.86
N ILE A 389 2.00 13.51 2.98
CA ILE A 389 1.43 14.63 3.74
C ILE A 389 1.67 14.48 5.23
N MET A 390 1.96 13.27 5.71
CA MET A 390 2.25 13.10 7.14
C MET A 390 3.62 13.69 7.50
N SER A 391 4.62 13.46 6.65
CA SER A 391 5.93 14.08 6.86
C SER A 391 5.89 15.57 6.61
N LEU A 392 4.92 16.06 5.85
CA LEU A 392 4.73 17.51 5.71
C LEU A 392 4.40 18.15 7.05
N SER A 393 3.39 17.62 7.73
CA SER A 393 2.94 18.22 8.99
C SER A 393 3.95 17.99 10.10
N ALA A 394 4.51 16.78 10.21
CA ALA A 394 5.43 16.46 11.29
C ALA A 394 6.72 17.27 11.21
N ALA A 395 7.07 17.80 10.04
CA ALA A 395 8.32 18.52 9.87
C ALA A 395 8.20 20.01 10.16
N THR A 396 6.99 20.57 10.18
CA THR A 396 6.84 22.00 10.39
C THR A 396 7.35 22.40 11.77
N PRO A 397 7.89 23.61 11.90
CA PRO A 397 8.42 24.04 13.21
C PRO A 397 7.37 24.08 14.30
N LYS A 398 6.09 24.25 13.97
CA LYS A 398 5.05 24.22 14.99
C LYS A 398 4.96 22.85 15.65
N HIS A 399 4.93 21.80 14.84
CA HIS A 399 4.89 20.45 15.39
C HIS A 399 6.17 20.12 16.15
N LEU A 400 7.32 20.51 15.61
CA LEU A 400 8.59 20.24 16.28
C LEU A 400 8.68 20.99 17.61
N LYS A 401 8.07 22.17 17.70
CA LYS A 401 8.03 22.88 18.96
C LYS A 401 7.19 22.17 19.99
N SER A 402 6.00 21.71 19.59
CA SER A 402 5.05 21.13 20.54
C SER A 402 5.56 19.82 21.13
N ILE A 403 6.27 19.01 20.35
CA ILE A 403 6.78 17.74 20.85
C ILE A 403 8.13 17.88 21.54
N GLY A 404 8.66 19.10 21.67
CA GLY A 404 9.81 19.34 22.51
C GLY A 404 11.16 19.07 21.89
N LEU A 405 11.25 18.94 20.56
CA LEU A 405 12.54 18.80 19.90
C LEU A 405 13.08 20.14 19.41
N LEU A 406 12.30 21.20 19.49
CA LEU A 406 12.69 22.53 19.02
C LEU A 406 12.13 23.53 20.01
N SER A 407 12.99 24.17 20.78
CA SER A 407 12.56 25.04 21.86
C SER A 407 11.88 26.29 21.30
N PRO A 408 11.04 26.95 22.11
CA PRO A 408 10.42 28.21 21.66
C PRO A 408 11.43 29.32 21.38
N ASP A 409 12.72 29.04 21.64
CA ASP A 409 13.77 29.99 21.31
C ASP A 409 13.85 30.23 19.81
N PHE A 410 13.78 29.15 19.02
CA PHE A 410 13.97 29.25 17.58
C PHE A 410 12.89 30.10 16.93
N GLN A 411 13.28 31.26 16.40
CA GLN A 411 12.38 32.12 15.66
C GLN A 411 12.54 31.84 14.17
N GLU A 412 11.43 31.67 13.48
CA GLU A 412 11.43 31.36 12.05
C GLU A 412 11.43 32.68 11.28
N ASP A 413 12.58 33.05 10.75
CA ASP A 413 12.64 34.21 9.88
C ASP A 413 12.22 33.82 8.46
N ASN A 414 11.95 34.83 7.64
CA ASN A 414 11.44 34.57 6.31
C ASN A 414 12.48 33.95 5.38
N GLU A 415 13.74 33.90 5.80
CA GLU A 415 14.81 33.38 4.95
C GLU A 415 15.00 31.87 5.09
N THR A 416 14.85 31.32 6.30
CA THR A 416 14.81 29.86 6.43
C THR A 416 13.57 29.29 5.76
N GLU A 417 12.48 30.07 5.71
CA GLU A 417 11.29 29.64 5.00
C GLU A 417 11.52 29.60 3.49
N ILE A 418 12.39 30.47 2.98
CA ILE A 418 12.74 30.42 1.56
C ILE A 418 13.76 29.32 1.30
N ASN A 419 14.69 29.11 2.24
CA ASN A 419 15.61 27.97 2.13
C ASN A 419 14.83 26.67 2.12
N PHE A 420 13.82 26.55 2.99
CA PHE A 420 13.03 25.33 3.08
C PHE A 420 12.26 25.08 1.79
N LEU A 421 11.58 26.11 1.27
CA LEU A 421 10.78 25.94 0.06
C LEU A 421 11.65 25.68 -1.17
N LEU A 422 12.84 26.27 -1.21
CA LEU A 422 13.76 25.98 -2.32
C LEU A 422 14.18 24.51 -2.31
N LYS A 423 14.53 23.99 -1.13
CA LYS A 423 14.91 22.59 -1.02
C LYS A 423 13.74 21.68 -1.39
N GLN A 424 12.52 22.05 -0.96
CA GLN A 424 11.34 21.29 -1.35
C GLN A 424 11.11 21.36 -2.85
N ALA A 425 11.28 22.55 -3.43
CA ALA A 425 11.03 22.71 -4.87
C ALA A 425 12.01 21.90 -5.70
N LEU A 426 13.25 21.79 -5.25
CA LEU A 426 14.24 21.01 -5.99
C LEU A 426 13.80 19.57 -6.12
N THR A 427 13.23 18.99 -5.06
CA THR A 427 12.73 17.62 -5.13
C THR A 427 11.34 17.56 -5.75
N ILE A 428 10.39 18.29 -5.17
CA ILE A 428 8.99 18.12 -5.55
C ILE A 428 8.73 18.69 -6.94
N VAL A 429 9.22 19.90 -7.22
CA VAL A 429 8.90 20.56 -8.48
C VAL A 429 9.81 20.08 -9.60
N GLY A 430 11.10 19.95 -9.32
CA GLY A 430 12.05 19.58 -10.37
C GLY A 430 11.75 18.25 -11.02
N THR A 431 11.13 17.34 -10.28
CA THR A 431 10.80 16.02 -10.83
C THR A 431 9.60 16.04 -11.78
N LEU A 432 8.72 17.04 -11.67
CA LEU A 432 7.49 17.02 -12.45
C LEU A 432 7.75 17.11 -13.96
N PRO A 433 8.55 18.06 -14.47
CA PRO A 433 8.86 18.01 -15.91
C PRO A 433 9.58 16.74 -16.32
N PHE A 434 10.49 16.24 -15.48
CA PHE A 434 11.17 14.98 -15.76
C PHE A 434 10.17 13.84 -15.85
N THR A 435 9.28 13.73 -14.86
CA THR A 435 8.30 12.64 -14.83
C THR A 435 7.35 12.74 -16.01
N TYR A 436 6.84 13.94 -16.29
CA TYR A 436 5.91 14.12 -17.40
C TYR A 436 6.57 13.80 -18.73
N MET A 437 7.78 14.31 -18.94
CA MET A 437 8.44 14.16 -20.23
C MET A 437 8.81 12.71 -20.51
N LEU A 438 9.28 11.98 -19.49
CA LEU A 438 9.62 10.57 -19.67
C LEU A 438 8.40 9.77 -20.06
N GLU A 439 7.31 9.88 -19.29
CA GLU A 439 6.14 9.07 -19.56
C GLU A 439 5.46 9.49 -20.86
N LYS A 440 5.57 10.75 -21.24
CA LYS A 440 5.08 11.17 -22.54
C LYS A 440 5.85 10.49 -23.67
N TRP A 441 7.17 10.37 -23.51
CA TRP A 441 7.98 9.67 -24.50
C TRP A 441 7.58 8.20 -24.60
N ARG A 442 7.39 7.54 -23.45
CA ARG A 442 6.98 6.15 -23.46
C ARG A 442 5.59 5.98 -24.05
N TRP A 443 4.66 6.89 -23.72
CA TRP A 443 3.33 6.84 -24.29
C TRP A 443 3.38 6.96 -25.81
N MET A 444 4.23 7.87 -26.32
CA MET A 444 4.33 8.07 -27.76
C MET A 444 4.98 6.87 -28.44
N VAL A 445 5.96 6.24 -27.79
CA VAL A 445 6.63 5.08 -28.39
C VAL A 445 5.65 3.92 -28.51
N PHE A 446 4.88 3.66 -27.46
CA PHE A 446 3.89 2.59 -27.50
C PHE A 446 2.82 2.88 -28.54
N LYS A 447 2.38 4.13 -28.64
CA LYS A 447 1.42 4.52 -29.66
C LYS A 447 1.99 4.45 -31.08
N GLY A 448 3.31 4.30 -31.22
CA GLY A 448 3.92 4.25 -32.52
C GLY A 448 4.18 5.60 -33.16
N GLU A 449 4.07 6.69 -32.41
CA GLU A 449 4.32 8.01 -32.95
C GLU A 449 5.81 8.34 -33.06
N ILE A 450 6.68 7.51 -32.49
CA ILE A 450 8.13 7.69 -32.61
C ILE A 450 8.73 6.44 -33.24
N PRO A 451 9.22 6.51 -34.47
CA PRO A 451 9.89 5.35 -35.06
C PRO A 451 11.19 5.03 -34.35
N LYS A 452 11.63 3.77 -34.50
CA LYS A 452 12.79 3.29 -33.77
C LYS A 452 14.05 4.07 -34.13
N ASP A 453 14.16 4.56 -35.36
CA ASP A 453 15.35 5.28 -35.78
C ASP A 453 15.39 6.72 -35.30
N GLN A 454 14.35 7.18 -34.60
CA GLN A 454 14.33 8.52 -34.01
C GLN A 454 14.11 8.50 -32.51
N TRP A 455 14.21 7.32 -31.88
CA TRP A 455 13.99 7.19 -30.44
C TRP A 455 14.87 8.16 -29.65
N MET A 456 16.18 8.02 -29.79
CA MET A 456 17.09 8.87 -29.04
C MET A 456 17.12 10.30 -29.57
N LYS A 457 16.74 10.50 -30.83
CA LYS A 457 16.62 11.86 -31.34
C LYS A 457 15.47 12.60 -30.68
N LYS A 458 14.31 11.93 -30.56
CA LYS A 458 13.15 12.55 -29.96
C LYS A 458 13.29 12.65 -28.45
N TRP A 459 13.97 11.68 -27.83
CA TRP A 459 14.18 11.70 -26.38
C TRP A 459 14.92 12.96 -25.95
N TRP A 460 15.90 13.39 -26.74
CA TRP A 460 16.69 14.56 -26.40
C TRP A 460 16.12 15.85 -26.95
N GLU A 461 15.29 15.78 -27.99
CA GLU A 461 14.48 16.95 -28.34
C GLU A 461 13.50 17.28 -27.22
N MET A 462 12.88 16.25 -26.65
CA MET A 462 11.91 16.48 -25.58
C MET A 462 12.59 16.88 -24.27
N LYS A 463 13.77 16.33 -24.00
CA LYS A 463 14.52 16.76 -22.82
C LYS A 463 14.83 18.24 -22.87
N ARG A 464 15.33 18.71 -24.03
CA ARG A 464 15.63 20.13 -24.19
C ARG A 464 14.36 20.97 -24.13
N GLU A 465 13.30 20.52 -24.80
CA GLU A 465 12.09 21.33 -24.92
C GLU A 465 11.34 21.41 -23.59
N ILE A 466 11.04 20.26 -23.00
CA ILE A 466 10.14 20.21 -21.85
C ILE A 466 10.89 20.38 -20.54
N VAL A 467 11.97 19.63 -20.34
CA VAL A 467 12.69 19.66 -19.07
C VAL A 467 13.76 20.75 -19.03
N GLY A 468 14.10 21.34 -20.18
CA GLY A 468 15.18 22.32 -20.21
C GLY A 468 16.52 21.72 -19.83
N VAL A 469 16.79 20.50 -20.30
CA VAL A 469 18.00 19.77 -19.98
C VAL A 469 18.60 19.25 -21.29
N VAL A 470 19.92 19.37 -21.42
CA VAL A 470 20.62 19.04 -22.65
C VAL A 470 21.65 17.95 -22.37
N GLU A 471 21.77 17.01 -23.30
CA GLU A 471 22.77 15.95 -23.16
C GLU A 471 24.16 16.52 -23.36
N PRO A 472 25.15 16.08 -22.57
CA PRO A 472 26.52 16.57 -22.76
C PRO A 472 27.26 15.92 -23.91
N VAL A 473 26.77 14.80 -24.43
CA VAL A 473 27.44 14.06 -25.51
C VAL A 473 26.36 13.58 -26.48
N PRO A 474 26.53 13.75 -27.79
CA PRO A 474 25.51 13.26 -28.74
C PRO A 474 25.36 11.75 -28.66
N HIS A 475 24.11 11.29 -28.79
CA HIS A 475 23.77 9.87 -28.67
C HIS A 475 23.00 9.44 -29.90
N ASP A 476 23.54 8.46 -30.62
CA ASP A 476 22.87 7.91 -31.79
C ASP A 476 21.81 6.90 -31.33
N GLU A 477 21.24 6.15 -32.26
CA GLU A 477 20.20 5.19 -31.93
C GLU A 477 20.74 3.85 -31.46
N THR A 478 22.05 3.74 -31.21
CA THR A 478 22.57 2.60 -30.48
C THR A 478 22.39 2.75 -28.98
N TYR A 479 22.09 3.96 -28.50
CA TYR A 479 21.81 4.20 -27.10
C TYR A 479 20.35 3.88 -26.78
N CYS A 480 20.08 3.69 -25.49
CA CYS A 480 18.71 3.69 -24.98
C CYS A 480 18.77 4.28 -23.56
N ASP A 481 18.62 5.60 -23.49
CA ASP A 481 18.84 6.34 -22.25
C ASP A 481 17.68 6.23 -21.29
N PRO A 482 16.41 6.24 -21.76
CA PRO A 482 15.31 5.91 -20.85
C PRO A 482 15.51 4.59 -20.12
N ALA A 483 15.96 3.55 -20.82
CA ALA A 483 16.18 2.26 -20.17
C ALA A 483 17.27 2.30 -19.12
N SER A 484 18.11 3.33 -19.12
CA SER A 484 19.12 3.49 -18.08
C SER A 484 18.51 3.86 -16.73
N LEU A 485 17.21 4.12 -16.68
CA LEU A 485 16.50 4.36 -15.43
C LEU A 485 15.74 3.10 -15.02
N PHE A 486 15.69 2.85 -13.70
CA PHE A 486 15.14 1.60 -13.18
C PHE A 486 13.72 1.35 -13.69
N HIS A 487 12.85 2.35 -13.58
CA HIS A 487 11.42 2.14 -13.86
C HIS A 487 11.19 1.79 -15.32
N VAL A 488 12.03 2.28 -16.22
CA VAL A 488 11.85 2.00 -17.64
C VAL A 488 12.29 0.57 -17.98
N SER A 489 13.45 0.17 -17.48
CA SER A 489 13.97 -1.17 -17.77
C SER A 489 13.37 -2.24 -16.88
N ASN A 490 12.68 -1.87 -15.79
CA ASN A 490 12.04 -2.83 -14.91
C ASN A 490 10.51 -2.79 -15.02
N ASP A 491 9.99 -2.17 -16.08
CA ASP A 491 8.59 -2.31 -16.48
C ASP A 491 7.64 -1.77 -15.40
N TYR A 492 7.79 -0.48 -15.11
CA TYR A 492 6.90 0.21 -14.17
C TYR A 492 6.36 1.48 -14.81
N SER A 493 5.08 1.75 -14.58
CA SER A 493 4.50 3.01 -14.99
C SER A 493 5.10 4.15 -14.18
N PHE A 494 5.22 5.32 -14.81
CA PHE A 494 5.89 6.45 -14.21
C PHE A 494 4.99 7.65 -13.90
N ILE A 495 3.85 7.78 -14.57
CA ILE A 495 2.98 8.93 -14.35
C ILE A 495 2.41 8.97 -12.94
N ARG A 496 2.52 7.87 -12.19
CA ARG A 496 2.02 7.86 -10.81
C ARG A 496 2.74 8.90 -9.96
N TYR A 497 4.00 9.19 -10.26
CA TYR A 497 4.76 10.17 -9.48
C TYR A 497 4.34 11.60 -9.79
N TYR A 498 3.74 11.84 -10.96
CA TYR A 498 3.18 13.16 -11.25
C TYR A 498 1.84 13.34 -10.56
N THR A 499 0.92 12.39 -10.74
CA THR A 499 -0.42 12.52 -10.16
C THR A 499 -0.36 12.51 -8.64
N ARG A 500 0.50 11.68 -8.05
CA ARG A 500 0.62 11.63 -6.60
C ARG A 500 1.09 12.96 -6.04
N THR A 501 2.02 13.63 -6.75
CA THR A 501 2.50 14.93 -6.29
C THR A 501 1.36 15.94 -6.22
N LEU A 502 0.47 15.93 -7.21
CA LEU A 502 -0.65 16.86 -7.20
C LEU A 502 -1.69 16.48 -6.16
N TYR A 503 -1.92 15.18 -5.96
CA TYR A 503 -2.90 14.74 -4.95
C TYR A 503 -2.48 15.18 -3.55
N GLN A 504 -1.19 15.05 -3.23
CA GLN A 504 -0.75 15.26 -1.85
C GLN A 504 -0.95 16.70 -1.40
N PHE A 505 -0.79 17.66 -2.30
CA PHE A 505 -1.05 19.05 -1.93
C PHE A 505 -2.53 19.38 -2.00
N GLN A 506 -3.28 18.66 -2.86
CA GLN A 506 -4.74 18.75 -2.78
C GLN A 506 -5.25 18.25 -1.45
N PHE A 507 -4.71 17.10 -0.98
CA PHE A 507 -5.09 16.58 0.32
C PHE A 507 -4.74 17.56 1.43
N GLN A 508 -3.50 18.05 1.42
CA GLN A 508 -3.02 18.87 2.52
C GLN A 508 -3.79 20.18 2.64
N GLU A 509 -4.09 20.83 1.50
CA GLU A 509 -4.87 22.05 1.56
C GLU A 509 -6.26 21.79 2.16
N ALA A 510 -6.88 20.69 1.75
CA ALA A 510 -8.19 20.34 2.31
C ALA A 510 -8.10 20.05 3.80
N LEU A 511 -7.09 19.28 4.21
CA LEU A 511 -6.97 18.91 5.62
C LEU A 511 -6.59 20.11 6.49
N CYS A 512 -5.83 21.06 5.93
CA CYS A 512 -5.52 22.28 6.66
C CYS A 512 -6.70 23.24 6.68
N GLN A 513 -7.55 23.19 5.64
CA GLN A 513 -8.80 23.95 5.67
C GLN A 513 -9.72 23.44 6.78
N ALA A 514 -9.80 22.12 6.95
CA ALA A 514 -10.59 21.55 8.02
C ALA A 514 -9.97 21.82 9.39
N ALA A 515 -8.64 21.93 9.45
CA ALA A 515 -7.94 22.21 10.70
C ALA A 515 -7.91 23.69 11.04
N LYS A 516 -8.56 24.53 10.23
CA LYS A 516 -8.62 25.98 10.47
C LYS A 516 -7.23 26.60 10.56
N HIS A 517 -6.34 26.15 9.69
CA HIS A 517 -4.99 26.72 9.63
C HIS A 517 -5.04 28.10 8.97
N GLU A 518 -4.40 29.07 9.60
CA GLU A 518 -4.30 30.43 9.08
C GLU A 518 -2.83 30.74 8.82
N GLY A 519 -2.52 31.13 7.59
CA GLY A 519 -1.15 31.38 7.19
C GLY A 519 -0.79 30.61 5.93
N PRO A 520 0.48 30.67 5.54
CA PRO A 520 0.91 29.92 4.35
C PRO A 520 0.70 28.43 4.53
N LEU A 521 0.29 27.76 3.44
CA LEU A 521 -0.05 26.34 3.51
C LEU A 521 1.15 25.50 3.92
N HIS A 522 2.37 25.96 3.62
CA HIS A 522 3.56 25.18 3.93
C HIS A 522 3.89 25.17 5.42
N LYS A 523 3.27 26.03 6.23
CA LYS A 523 3.48 26.06 7.67
C LYS A 523 2.44 25.24 8.42
N CYS A 524 1.61 24.48 7.72
CA CYS A 524 0.44 23.85 8.33
C CYS A 524 0.79 22.55 9.03
N ASP A 525 0.18 22.35 10.20
CA ASP A 525 0.23 21.09 10.92
C ASP A 525 -1.21 20.70 11.26
N ILE A 526 -1.59 19.47 10.94
CA ILE A 526 -2.97 19.03 11.14
C ILE A 526 -3.11 18.32 12.48
N SER A 527 -2.07 18.39 13.30
CA SER A 527 -2.11 17.75 14.62
C SER A 527 -3.27 18.31 15.45
N ASN A 528 -3.86 17.44 16.26
CA ASN A 528 -4.92 17.78 17.21
C ASN A 528 -6.21 18.23 16.54
N SER A 529 -6.39 17.94 15.25
CA SER A 529 -7.59 18.34 14.51
C SER A 529 -8.33 17.08 14.07
N THR A 530 -9.43 16.75 14.76
CA THR A 530 -10.19 15.56 14.43
C THR A 530 -11.06 15.73 13.19
N GLU A 531 -11.40 16.98 12.82
CA GLU A 531 -12.11 17.19 11.56
C GLU A 531 -11.24 16.80 10.37
N ALA A 532 -9.95 17.17 10.42
CA ALA A 532 -9.03 16.75 9.37
C ALA A 532 -8.88 15.23 9.34
N GLY A 533 -8.77 14.61 10.52
CA GLY A 533 -8.67 13.16 10.57
C GLY A 533 -9.91 12.47 10.04
N GLN A 534 -11.09 13.01 10.36
CA GLN A 534 -12.33 12.43 9.85
C GLN A 534 -12.46 12.63 8.35
N LYS A 535 -12.09 13.82 7.86
CA LYS A 535 -12.18 14.09 6.43
C LYS A 535 -11.27 13.17 5.64
N LEU A 536 -10.07 12.91 6.15
CA LEU A 536 -9.16 11.98 5.49
C LEU A 536 -9.66 10.54 5.58
N PHE A 537 -10.24 10.17 6.72
CA PHE A 537 -10.63 8.78 6.95
C PHE A 537 -11.73 8.34 5.98
N ASN A 538 -12.63 9.24 5.62
CA ASN A 538 -13.72 8.88 4.71
C ASN A 538 -13.19 8.41 3.37
N MET A 539 -12.02 8.89 2.96
CA MET A 539 -11.39 8.38 1.75
C MET A 539 -10.59 7.11 2.03
N LEU A 540 -9.92 7.06 3.17
CA LEU A 540 -9.05 5.93 3.48
C LEU A 540 -9.83 4.62 3.52
N ARG A 541 -11.00 4.62 4.15
CA ARG A 541 -11.80 3.41 4.30
C ARG A 541 -12.38 2.92 2.98
N LEU A 542 -12.36 3.73 1.92
CA LEU A 542 -12.93 3.31 0.65
C LEU A 542 -12.05 2.29 -0.05
N GLY A 543 -10.73 2.49 -0.02
CA GLY A 543 -9.86 1.64 -0.80
C GLY A 543 -10.14 1.82 -2.28
N LYS A 544 -10.27 0.71 -2.99
CA LYS A 544 -10.61 0.71 -4.41
C LYS A 544 -12.11 0.56 -4.64
N SER A 545 -12.92 0.56 -3.57
CA SER A 545 -14.33 0.22 -3.71
C SER A 545 -15.12 1.28 -4.47
N GLU A 546 -14.67 2.52 -4.47
CA GLU A 546 -15.33 3.62 -5.15
C GLU A 546 -14.36 4.27 -6.13
N PRO A 547 -14.86 4.95 -7.17
CA PRO A 547 -13.96 5.57 -8.13
C PRO A 547 -13.02 6.57 -7.46
N TRP A 548 -11.79 6.63 -7.98
CA TRP A 548 -10.81 7.55 -7.41
C TRP A 548 -11.27 9.00 -7.50
N THR A 549 -12.11 9.31 -8.49
CA THR A 549 -12.69 10.65 -8.57
C THR A 549 -13.59 10.94 -7.38
N LEU A 550 -14.39 9.96 -6.97
CA LEU A 550 -15.26 10.15 -5.81
C LEU A 550 -14.48 10.11 -4.51
N ALA A 551 -13.48 9.24 -4.42
CA ALA A 551 -12.64 9.20 -3.22
C ALA A 551 -11.87 10.51 -3.07
N LEU A 552 -11.43 11.09 -4.18
CA LEU A 552 -10.80 12.41 -4.13
C LEU A 552 -11.75 13.47 -3.60
N GLU A 553 -13.03 13.40 -4.02
CA GLU A 553 -14.01 14.40 -3.62
C GLU A 553 -14.30 14.35 -2.12
N ASN A 554 -14.27 13.16 -1.53
CA ASN A 554 -14.55 13.02 -0.11
C ASN A 554 -13.53 13.73 0.77
N VAL A 555 -12.38 14.10 0.21
CA VAL A 555 -11.37 14.88 0.93
C VAL A 555 -11.42 16.35 0.55
N VAL A 556 -11.36 16.64 -0.76
CA VAL A 556 -11.05 17.98 -1.23
C VAL A 556 -12.24 18.69 -1.88
N GLY A 557 -13.37 18.00 -2.06
CA GLY A 557 -14.53 18.64 -2.65
C GLY A 557 -14.50 18.81 -4.16
N ALA A 558 -13.57 18.15 -4.84
CA ALA A 558 -13.47 18.23 -6.29
C ALA A 558 -13.30 16.82 -6.86
N LYS A 559 -13.69 16.66 -8.12
CA LYS A 559 -13.68 15.36 -8.77
C LYS A 559 -12.43 15.11 -9.62
N ASN A 560 -11.57 16.10 -9.79
CA ASN A 560 -10.43 15.95 -10.71
C ASN A 560 -9.16 16.51 -10.08
N MET A 561 -8.03 15.96 -10.52
CA MET A 561 -6.73 16.40 -10.04
C MET A 561 -6.49 17.85 -10.41
N ASN A 562 -5.98 18.62 -9.44
CA ASN A 562 -5.81 20.06 -9.57
C ASN A 562 -4.41 20.46 -9.14
N VAL A 563 -3.82 21.41 -9.86
CA VAL A 563 -2.46 21.88 -9.60
C VAL A 563 -2.43 23.13 -8.72
N ARG A 564 -3.56 23.81 -8.54
CA ARG A 564 -3.57 25.04 -7.75
C ARG A 564 -3.04 24.87 -6.32
N PRO A 565 -3.41 23.83 -5.57
CA PRO A 565 -2.82 23.67 -4.22
C PRO A 565 -1.30 23.55 -4.24
N LEU A 566 -0.72 22.92 -5.27
CA LEU A 566 0.73 22.86 -5.37
C LEU A 566 1.33 24.25 -5.55
N LEU A 567 0.73 25.07 -6.42
CA LEU A 567 1.19 26.44 -6.58
C LEU A 567 0.98 27.25 -5.31
N ASN A 568 -0.14 27.00 -4.61
CA ASN A 568 -0.39 27.66 -3.34
C ASN A 568 0.70 27.34 -2.34
N TYR A 569 1.16 26.08 -2.30
CA TYR A 569 2.21 25.68 -1.39
C TYR A 569 3.51 26.43 -1.67
N PHE A 570 3.84 26.62 -2.94
CA PHE A 570 5.11 27.21 -3.35
C PHE A 570 5.00 28.68 -3.75
N GLU A 571 3.87 29.33 -3.48
CA GLU A 571 3.75 30.74 -3.83
C GLU A 571 4.79 31.64 -3.17
N PRO A 572 5.13 31.50 -1.88
CA PRO A 572 6.18 32.36 -1.32
C PRO A 572 7.51 32.25 -2.07
N LEU A 573 7.91 31.03 -2.46
CA LEU A 573 9.13 30.89 -3.24
C LEU A 573 8.97 31.48 -4.63
N PHE A 574 7.79 31.31 -5.24
CA PHE A 574 7.58 31.77 -6.61
C PHE A 574 7.72 33.29 -6.71
N THR A 575 7.18 34.02 -5.74
CA THR A 575 7.35 35.47 -5.74
C THR A 575 8.81 35.86 -5.50
N TRP A 576 9.54 35.07 -4.71
CA TRP A 576 10.96 35.33 -4.49
C TRP A 576 11.79 34.99 -5.71
N LEU A 577 11.48 33.88 -6.39
CA LEU A 577 12.22 33.50 -7.59
C LEU A 577 12.04 34.53 -8.70
N LYS A 578 10.81 35.01 -8.90
CA LYS A 578 10.58 36.05 -9.91
C LYS A 578 11.35 37.31 -9.55
N ASP A 579 11.40 37.66 -8.26
CA ASP A 579 12.26 38.75 -7.83
C ASP A 579 13.72 38.45 -8.13
N GLN A 580 14.18 37.23 -7.77
CA GLN A 580 15.59 36.90 -7.94
C GLN A 580 16.01 36.91 -9.40
N ASN A 581 15.13 36.45 -10.29
CA ASN A 581 15.43 36.39 -11.71
C ASN A 581 15.16 37.70 -12.42
N LYS A 582 15.21 38.82 -11.69
CA LYS A 582 14.93 40.14 -12.28
C LYS A 582 15.90 40.44 -13.42
N ASN A 583 17.19 40.22 -13.20
CA ASN A 583 18.23 40.53 -14.16
C ASN A 583 18.85 39.28 -14.76
N SER A 584 18.06 38.21 -14.86
CA SER A 584 18.48 36.97 -15.47
C SER A 584 17.49 36.59 -16.56
N PHE A 585 17.98 35.82 -17.53
CA PHE A 585 17.13 35.35 -18.62
C PHE A 585 16.30 34.17 -18.15
N VAL A 586 14.98 34.30 -18.23
CA VAL A 586 14.06 33.24 -17.84
C VAL A 586 13.66 32.47 -19.08
N GLY A 587 13.78 31.14 -19.02
CA GLY A 587 13.58 30.29 -20.17
C GLY A 587 14.90 29.73 -20.66
N TRP A 588 14.82 28.97 -21.74
CA TRP A 588 16.01 28.31 -22.27
C TRP A 588 15.90 28.18 -23.79
N SER A 589 17.06 28.01 -24.41
CA SER A 589 17.17 27.79 -25.84
C SER A 589 17.58 26.34 -26.10
N THR A 590 16.84 25.66 -26.98
CA THR A 590 17.05 24.24 -27.21
C THR A 590 18.24 23.94 -28.11
N ASP A 591 18.82 24.93 -28.77
CA ASP A 591 19.87 24.68 -29.74
C ASP A 591 21.28 24.71 -29.13
N TRP A 592 21.45 25.23 -27.91
CA TRP A 592 22.75 25.22 -27.27
C TRP A 592 23.01 23.86 -26.63
N SER A 593 24.23 23.36 -26.81
CA SER A 593 24.68 22.13 -26.19
C SER A 593 26.13 22.30 -25.75
N PRO A 594 26.55 21.59 -24.69
CA PRO A 594 27.93 21.74 -24.22
C PRO A 594 28.98 21.13 -25.14
N TYR A 595 28.58 20.34 -26.14
CA TYR A 595 29.53 19.76 -27.08
C TYR A 595 29.63 20.57 -28.37
N ALA A 596 29.50 21.89 -28.26
CA ALA A 596 29.69 22.82 -29.37
C ALA A 596 28.77 22.51 -30.54
N THR B 1 -25.29 -33.19 45.26
CA THR B 1 -24.29 -34.09 45.81
C THR B 1 -23.01 -34.05 44.97
N ASN B 2 -23.17 -34.23 43.66
CA ASN B 2 -22.05 -34.24 42.72
C ASN B 2 -22.10 -33.00 41.83
N LEU B 3 -20.94 -32.37 41.66
CA LEU B 3 -20.85 -31.12 40.93
C LEU B 3 -21.03 -31.34 39.43
N CYS B 4 -21.65 -30.37 38.77
CA CYS B 4 -21.87 -30.46 37.33
C CYS B 4 -20.53 -30.41 36.59
N PRO B 5 -20.35 -31.26 35.57
CA PRO B 5 -19.05 -31.32 34.86
C PRO B 5 -18.84 -30.17 33.88
N PHE B 6 -18.61 -28.98 34.43
CA PHE B 6 -18.29 -27.83 33.59
C PHE B 6 -16.82 -27.80 33.21
N HIS B 7 -15.96 -28.43 34.01
CA HIS B 7 -14.55 -28.57 33.64
C HIS B 7 -14.41 -29.34 32.33
N GLU B 8 -15.21 -30.40 32.16
CA GLU B 8 -15.14 -31.21 30.94
C GLU B 8 -15.48 -30.39 29.70
N VAL B 9 -16.30 -29.36 29.84
CA VAL B 9 -16.72 -28.56 28.69
C VAL B 9 -15.75 -27.41 28.43
N PHE B 10 -15.34 -26.70 29.49
CA PHE B 10 -14.50 -25.53 29.32
C PHE B 10 -13.02 -25.88 29.15
N ASN B 11 -12.56 -26.95 29.78
CA ASN B 11 -11.15 -27.32 29.76
C ASN B 11 -10.83 -28.42 28.75
N ALA B 12 -11.74 -28.71 27.82
CA ALA B 12 -11.49 -29.72 26.82
C ALA B 12 -10.21 -29.39 26.05
N THR B 13 -9.41 -30.43 25.80
CA THR B 13 -8.13 -30.24 25.11
C THR B 13 -8.34 -29.58 23.75
N ARG B 14 -9.36 -30.01 23.02
CA ARG B 14 -9.66 -29.47 21.70
C ARG B 14 -11.17 -29.26 21.58
N PHE B 15 -11.56 -28.07 21.15
CA PHE B 15 -12.97 -27.78 20.95
C PHE B 15 -13.41 -28.28 19.57
N ALA B 16 -14.72 -28.31 19.37
CA ALA B 16 -15.28 -28.76 18.10
C ALA B 16 -15.29 -27.63 17.09
N SER B 17 -15.27 -28.00 15.81
CA SER B 17 -15.50 -27.02 14.76
C SER B 17 -16.92 -26.49 14.87
N VAL B 18 -17.10 -25.21 14.52
CA VAL B 18 -18.39 -24.57 14.73
C VAL B 18 -19.47 -25.20 13.87
N TYR B 19 -19.12 -25.69 12.68
CA TYR B 19 -20.11 -26.35 11.82
C TYR B 19 -20.63 -27.63 12.46
N ALA B 20 -19.80 -28.30 13.27
CA ALA B 20 -20.17 -29.54 13.92
C ALA B 20 -20.11 -29.34 15.43
N TRP B 21 -20.73 -28.26 15.91
CA TRP B 21 -20.60 -27.86 17.30
C TRP B 21 -21.01 -28.98 18.25
N ASN B 22 -20.44 -28.92 19.45
CA ASN B 22 -20.62 -29.95 20.47
C ASN B 22 -21.73 -29.54 21.43
N ARG B 23 -22.62 -30.47 21.75
CA ARG B 23 -23.64 -30.25 22.77
C ARG B 23 -23.44 -31.24 23.90
N LYS B 24 -23.33 -30.73 25.12
CA LYS B 24 -23.23 -31.53 26.32
C LYS B 24 -24.48 -31.30 27.16
N ARG B 25 -25.23 -32.36 27.43
CA ARG B 25 -26.43 -32.25 28.26
C ARG B 25 -26.04 -32.27 29.72
N ILE B 26 -26.43 -31.23 30.45
CA ILE B 26 -26.17 -31.12 31.88
C ILE B 26 -27.45 -31.48 32.63
N SER B 27 -27.36 -32.44 33.55
CA SER B 27 -28.54 -32.89 34.27
C SER B 27 -28.12 -33.55 35.57
N ASN B 28 -28.95 -33.36 36.60
CA ASN B 28 -28.83 -34.06 37.88
C ASN B 28 -27.47 -33.80 38.53
N CYS B 29 -27.25 -32.54 38.86
CA CYS B 29 -26.02 -32.14 39.55
C CYS B 29 -26.25 -30.78 40.19
N VAL B 30 -25.31 -30.39 41.04
CA VAL B 30 -25.32 -29.08 41.68
C VAL B 30 -24.39 -28.18 40.90
N ALA B 31 -24.85 -26.99 40.61
CA ALA B 31 -24.22 -26.20 39.56
C ALA B 31 -23.55 -25.00 40.22
N ASP B 32 -22.23 -25.12 40.40
CA ASP B 32 -21.38 -24.06 40.95
C ASP B 32 -20.95 -23.11 39.83
N TYR B 33 -21.97 -22.51 39.19
CA TYR B 33 -21.74 -21.61 38.06
C TYR B 33 -20.58 -20.70 38.38
N SER B 34 -20.45 -20.36 39.67
CA SER B 34 -19.29 -19.65 40.16
C SER B 34 -17.98 -20.20 39.63
N VAL B 35 -17.77 -21.52 39.64
CA VAL B 35 -16.43 -21.93 39.22
C VAL B 35 -16.10 -21.46 37.80
N LEU B 36 -17.11 -21.12 36.98
CA LEU B 36 -16.83 -20.53 35.67
C LEU B 36 -15.84 -19.36 35.77
N TYR B 37 -15.86 -18.60 36.90
CA TYR B 37 -14.96 -17.44 37.01
C TYR B 37 -13.56 -18.00 37.11
N ASN B 38 -13.06 -18.44 35.96
CA ASN B 38 -11.80 -19.04 35.58
C ASN B 38 -11.77 -18.75 34.09
N PHE B 39 -10.65 -19.03 33.42
CA PHE B 39 -10.44 -18.51 32.08
C PHE B 39 -10.64 -17.00 32.07
N ALA B 40 -9.87 -16.33 32.92
CA ALA B 40 -10.13 -14.94 33.33
C ALA B 40 -10.62 -14.01 32.22
N PRO B 41 -9.99 -13.94 31.01
CA PRO B 41 -10.47 -13.01 29.97
C PRO B 41 -11.97 -12.96 29.86
N PHE B 42 -12.61 -14.11 29.65
CA PHE B 42 -14.04 -14.20 29.40
C PHE B 42 -14.48 -13.04 28.52
N PHE B 43 -13.78 -12.92 27.39
CA PHE B 43 -13.85 -11.79 26.47
C PHE B 43 -15.28 -11.31 26.30
N ALA B 44 -16.22 -12.26 26.27
CA ALA B 44 -17.64 -11.96 26.33
C ALA B 44 -18.29 -12.82 27.41
N PHE B 45 -19.22 -12.23 28.15
CA PHE B 45 -20.11 -12.97 29.06
C PHE B 45 -21.45 -12.21 29.03
N LYS B 46 -22.35 -12.67 28.17
CA LYS B 46 -23.63 -12.01 27.96
C LYS B 46 -24.75 -13.03 28.14
N CYS B 47 -25.65 -12.77 29.09
CA CYS B 47 -26.78 -13.64 29.37
C CYS B 47 -28.07 -12.99 28.89
N TYR B 48 -29.08 -13.83 28.62
CA TYR B 48 -30.31 -13.39 27.99
C TYR B 48 -31.51 -14.03 28.69
N GLY B 49 -32.53 -13.22 28.94
CA GLY B 49 -33.67 -13.70 29.72
C GLY B 49 -33.31 -14.09 31.14
N VAL B 50 -32.12 -13.72 31.60
CA VAL B 50 -31.55 -14.16 32.86
C VAL B 50 -30.35 -13.27 33.12
N SER B 51 -29.99 -13.06 34.39
CA SER B 51 -28.88 -12.19 34.68
C SER B 51 -27.73 -12.96 35.31
N PRO B 52 -26.48 -12.60 35.01
CA PRO B 52 -25.36 -13.34 35.59
C PRO B 52 -25.24 -13.17 37.10
N THR B 53 -25.46 -11.96 37.61
CA THR B 53 -25.30 -11.68 39.03
C THR B 53 -26.21 -12.58 39.85
N LYS B 54 -25.62 -13.51 40.60
CA LYS B 54 -26.33 -14.55 41.33
C LYS B 54 -27.17 -15.40 40.38
N LEU B 55 -26.46 -16.11 39.50
CA LEU B 55 -27.12 -17.07 38.61
C LEU B 55 -27.60 -18.30 39.36
N ASN B 56 -27.04 -18.57 40.55
CA ASN B 56 -27.39 -19.76 41.33
C ASN B 56 -28.80 -19.72 41.90
N ASP B 57 -29.57 -18.66 41.61
CA ASP B 57 -30.91 -18.49 42.16
C ASP B 57 -31.99 -19.24 41.40
N LEU B 58 -31.65 -20.25 40.59
CA LEU B 58 -32.59 -20.79 39.63
C LEU B 58 -32.58 -22.31 39.64
N CYS B 59 -33.54 -22.88 38.92
CA CYS B 59 -33.75 -24.31 38.82
C CYS B 59 -34.36 -24.62 37.46
N PHE B 60 -33.76 -25.55 36.72
CA PHE B 60 -34.16 -25.83 35.35
C PHE B 60 -34.35 -27.32 35.13
N THR B 61 -35.18 -27.65 34.14
CA THR B 61 -35.35 -29.05 33.75
C THR B 61 -34.06 -29.61 33.17
N ASN B 62 -33.40 -28.86 32.29
CA ASN B 62 -32.16 -29.31 31.69
C ASN B 62 -31.32 -28.11 31.31
N VAL B 63 -30.00 -28.34 31.22
CA VAL B 63 -29.05 -27.36 30.76
C VAL B 63 -28.25 -27.98 29.62
N TYR B 64 -28.07 -27.22 28.54
CA TYR B 64 -27.26 -27.63 27.40
C TYR B 64 -26.09 -26.68 27.25
N ALA B 65 -24.88 -27.23 27.27
CA ALA B 65 -23.66 -26.45 27.09
C ALA B 65 -23.10 -26.76 25.70
N ASP B 66 -23.21 -25.79 24.80
CA ASP B 66 -22.70 -25.92 23.44
C ASP B 66 -21.33 -25.25 23.35
N SER B 67 -20.37 -25.96 22.75
CA SER B 67 -19.00 -25.50 22.67
C SER B 67 -18.47 -25.64 21.24
N PHE B 68 -17.71 -24.64 20.80
CA PHE B 68 -17.08 -24.64 19.48
C PHE B 68 -16.01 -23.55 19.47
N VAL B 69 -15.36 -23.40 18.32
CA VAL B 69 -14.32 -22.40 18.13
C VAL B 69 -14.66 -21.58 16.87
N ILE B 70 -14.61 -20.26 17.01
CA ILE B 70 -14.70 -19.33 15.90
C ILE B 70 -13.59 -18.30 16.06
N ARG B 71 -13.56 -17.33 15.14
CA ARG B 71 -12.58 -16.25 15.22
C ARG B 71 -13.23 -14.99 15.80
N GLY B 72 -12.37 -14.03 16.14
CA GLY B 72 -12.80 -12.91 16.97
C GLY B 72 -13.96 -12.12 16.38
N ASN B 73 -13.89 -11.82 15.08
CA ASN B 73 -14.95 -11.01 14.45
C ASN B 73 -16.31 -11.67 14.55
N GLU B 74 -16.34 -13.00 14.64
CA GLU B 74 -17.60 -13.73 14.55
C GLU B 74 -18.23 -14.01 15.92
N VAL B 75 -17.58 -13.62 17.01
CA VAL B 75 -18.17 -13.82 18.33
C VAL B 75 -19.46 -13.01 18.47
N SER B 76 -19.50 -11.83 17.85
CA SER B 76 -20.71 -11.02 17.92
C SER B 76 -21.90 -11.71 17.26
N GLN B 77 -21.66 -12.66 16.35
CA GLN B 77 -22.73 -13.41 15.72
C GLN B 77 -23.38 -14.44 16.63
N ILE B 78 -22.76 -14.75 17.78
CA ILE B 78 -23.34 -15.72 18.71
C ILE B 78 -24.22 -14.91 19.66
N ALA B 79 -25.43 -14.63 19.19
CA ALA B 79 -26.39 -13.76 19.86
C ALA B 79 -27.72 -13.86 19.12
N PRO B 80 -28.85 -13.63 19.79
CA PRO B 80 -30.14 -13.78 19.11
C PRO B 80 -30.30 -12.78 17.97
N GLY B 81 -30.97 -13.22 16.91
CA GLY B 81 -31.27 -12.36 15.79
C GLY B 81 -30.05 -11.81 15.08
N GLN B 82 -28.94 -12.53 15.12
CA GLN B 82 -27.74 -12.10 14.42
C GLN B 82 -27.68 -12.73 13.04
N THR B 83 -26.78 -12.20 12.19
CA THR B 83 -26.68 -12.66 10.82
C THR B 83 -25.21 -12.70 10.40
N GLY B 84 -24.92 -13.55 9.43
CA GLY B 84 -23.55 -13.76 8.97
C GLY B 84 -23.26 -15.23 8.78
N ASN B 85 -22.04 -15.55 8.33
CA ASN B 85 -21.71 -16.94 7.98
C ASN B 85 -21.98 -17.90 9.14
N ILE B 86 -21.57 -17.51 10.35
CA ILE B 86 -21.71 -18.40 11.50
C ILE B 86 -23.19 -18.54 11.89
N ALA B 87 -23.88 -17.41 12.02
CA ALA B 87 -25.28 -17.46 12.44
C ALA B 87 -26.18 -18.04 11.37
N ASP B 88 -25.85 -17.83 10.10
CA ASP B 88 -26.69 -18.35 9.02
C ASP B 88 -26.49 -19.85 8.82
N TYR B 89 -25.25 -20.34 8.89
CA TYR B 89 -24.93 -21.66 8.39
C TYR B 89 -24.30 -22.61 9.40
N ASN B 90 -23.89 -22.14 10.57
CA ASN B 90 -23.16 -23.00 11.51
C ASN B 90 -23.87 -23.17 12.85
N TYR B 91 -24.29 -22.07 13.48
CA TYR B 91 -24.87 -22.14 14.81
C TYR B 91 -25.77 -20.93 15.00
N LYS B 92 -27.08 -21.17 15.06
CA LYS B 92 -28.07 -20.10 15.14
C LYS B 92 -28.79 -20.17 16.48
N LEU B 93 -28.77 -19.04 17.21
CA LEU B 93 -29.58 -18.93 18.43
C LEU B 93 -30.99 -18.47 18.08
N PRO B 94 -31.98 -18.86 18.88
CA PRO B 94 -33.34 -18.39 18.63
C PRO B 94 -33.52 -16.94 19.09
N ASP B 95 -34.63 -16.35 18.65
CA ASP B 95 -34.91 -14.95 18.99
C ASP B 95 -35.10 -14.79 20.49
N ASP B 96 -35.78 -15.73 21.14
CA ASP B 96 -36.07 -15.67 22.57
C ASP B 96 -35.07 -16.51 23.38
N PHE B 97 -33.81 -16.51 22.95
CA PHE B 97 -32.80 -17.35 23.57
C PHE B 97 -32.70 -17.08 25.07
N THR B 98 -32.83 -18.13 25.86
CA THR B 98 -32.74 -18.07 27.31
C THR B 98 -31.46 -18.79 27.72
N GLY B 99 -30.42 -18.02 28.02
CA GLY B 99 -29.16 -18.61 28.42
C GLY B 99 -28.04 -17.59 28.41
N CYS B 100 -26.81 -18.09 28.26
CA CYS B 100 -25.63 -17.26 28.32
C CYS B 100 -24.65 -17.68 27.22
N VAL B 101 -23.80 -16.74 26.83
CA VAL B 101 -22.76 -16.96 25.84
C VAL B 101 -21.43 -16.54 26.45
N ILE B 102 -20.47 -17.46 26.51
CA ILE B 102 -19.15 -17.20 27.07
C ILE B 102 -18.12 -17.50 25.98
N ALA B 103 -17.23 -16.53 25.74
CA ALA B 103 -16.19 -16.66 24.73
C ALA B 103 -14.90 -16.06 25.24
N TRP B 104 -13.78 -16.74 24.99
CA TRP B 104 -12.47 -16.24 25.40
C TRP B 104 -11.44 -16.58 24.32
N ASN B 105 -10.37 -15.79 24.30
CA ASN B 105 -9.33 -15.92 23.28
C ASN B 105 -8.44 -17.12 23.60
N SER B 106 -8.34 -18.05 22.66
CA SER B 106 -7.54 -19.25 22.80
C SER B 106 -6.40 -19.28 21.77
N ASN B 107 -5.81 -18.10 21.51
CA ASN B 107 -4.74 -18.03 20.53
C ASN B 107 -3.51 -18.83 20.97
N LYS B 108 -3.30 -18.96 22.29
CA LYS B 108 -2.18 -19.75 22.78
C LYS B 108 -2.39 -21.24 22.53
N LEU B 109 -3.64 -21.69 22.50
CA LEU B 109 -3.96 -23.10 22.36
C LEU B 109 -4.25 -23.51 20.92
N ASP B 110 -5.05 -22.72 20.20
CA ASP B 110 -5.61 -23.13 18.92
C ASP B 110 -4.87 -22.56 17.72
N SER B 111 -3.76 -21.86 17.93
CA SER B 111 -2.97 -21.31 16.84
C SER B 111 -1.68 -22.12 16.66
N LYS B 112 -1.22 -22.19 15.42
CA LYS B 112 0.06 -22.80 15.09
C LYS B 112 0.77 -21.90 14.07
N VAL B 113 2.11 -21.94 14.11
CA VAL B 113 2.90 -21.16 13.16
C VAL B 113 2.62 -21.63 11.74
N SER B 114 2.54 -22.94 11.54
CA SER B 114 2.21 -23.50 10.23
C SER B 114 0.72 -23.45 9.94
N GLY B 115 -0.07 -22.83 10.80
CA GLY B 115 -1.51 -22.72 10.58
C GLY B 115 -2.27 -23.92 11.09
N ASN B 116 -3.26 -23.69 11.95
CA ASN B 116 -4.09 -24.76 12.47
C ASN B 116 -5.32 -24.89 11.59
N TYR B 117 -5.37 -25.96 10.79
CA TYR B 117 -6.50 -26.23 9.92
C TYR B 117 -7.46 -27.25 10.52
N ASN B 118 -7.35 -27.49 11.84
CA ASN B 118 -8.27 -28.40 12.51
C ASN B 118 -9.68 -27.83 12.54
N TYR B 119 -9.83 -26.53 12.79
CA TYR B 119 -11.13 -25.91 12.97
C TYR B 119 -11.69 -25.44 11.63
N LEU B 120 -12.92 -25.87 11.34
CA LEU B 120 -13.60 -25.53 10.10
C LEU B 120 -14.90 -24.79 10.38
N TYR B 121 -15.51 -24.29 9.30
CA TYR B 121 -16.82 -23.66 9.36
C TYR B 121 -17.49 -23.83 8.02
N ARG B 122 -18.81 -23.72 8.01
CA ARG B 122 -19.59 -23.89 6.79
C ARG B 122 -19.70 -22.56 6.06
N LEU B 123 -19.31 -22.55 4.78
CA LEU B 123 -19.28 -21.33 3.99
C LEU B 123 -20.50 -21.14 3.10
N PHE B 124 -21.06 -22.24 2.56
CA PHE B 124 -22.23 -22.16 1.70
C PHE B 124 -23.27 -23.16 2.16
N ARG B 125 -24.54 -22.77 2.06
CA ARG B 125 -25.65 -23.67 2.31
C ARG B 125 -26.86 -23.21 1.51
N LYS B 126 -27.70 -24.18 1.13
CA LYS B 126 -28.90 -23.87 0.35
C LYS B 126 -29.83 -22.93 1.09
N SER B 127 -29.80 -22.96 2.42
CA SER B 127 -30.73 -22.16 3.21
C SER B 127 -30.12 -21.88 4.57
N LYS B 128 -30.82 -21.04 5.34
CA LYS B 128 -30.40 -20.75 6.70
C LYS B 128 -30.71 -21.93 7.63
N LEU B 129 -30.10 -21.90 8.80
CA LEU B 129 -30.35 -22.90 9.83
C LEU B 129 -31.51 -22.48 10.71
N LYS B 130 -32.26 -23.47 11.18
CA LYS B 130 -33.18 -23.23 12.29
C LYS B 130 -32.37 -23.07 13.58
N PRO B 131 -32.96 -22.48 14.61
CA PRO B 131 -32.25 -22.36 15.89
C PRO B 131 -31.82 -23.73 16.42
N PHE B 132 -30.58 -23.80 16.89
CA PHE B 132 -29.98 -25.00 17.48
C PHE B 132 -29.90 -26.16 16.50
N GLU B 133 -29.97 -25.89 15.20
CA GLU B 133 -29.80 -26.93 14.19
C GLU B 133 -28.31 -27.14 13.92
N ARG B 134 -27.97 -28.34 13.46
CA ARG B 134 -26.59 -28.69 13.15
C ARG B 134 -26.55 -29.43 11.81
N ASP B 135 -25.76 -28.92 10.87
CA ASP B 135 -25.50 -29.56 9.60
C ASP B 135 -24.04 -29.98 9.56
N ILE B 136 -23.80 -31.29 9.45
CA ILE B 136 -22.45 -31.84 9.37
C ILE B 136 -22.17 -32.47 8.01
N SER B 137 -23.03 -32.22 7.03
CA SER B 137 -22.86 -32.83 5.71
C SER B 137 -21.62 -32.28 5.03
N THR B 138 -20.98 -33.14 4.23
CA THR B 138 -19.83 -32.76 3.42
C THR B 138 -20.15 -32.91 1.93
N GLU B 139 -21.40 -32.63 1.55
CA GLU B 139 -21.80 -32.73 0.16
C GLU B 139 -21.40 -31.47 -0.61
N ILE B 140 -20.95 -31.65 -1.83
CA ILE B 140 -20.42 -30.54 -2.62
C ILE B 140 -21.54 -29.55 -2.91
N TYR B 141 -21.33 -28.30 -2.52
CA TYR B 141 -22.29 -27.24 -2.79
C TYR B 141 -22.36 -26.97 -4.29
N GLN B 142 -23.58 -26.88 -4.81
CA GLN B 142 -23.80 -26.62 -6.23
C GLN B 142 -24.15 -25.15 -6.42
N ALA B 143 -23.31 -24.41 -7.13
CA ALA B 143 -23.54 -23.00 -7.42
C ALA B 143 -24.10 -22.78 -8.81
N GLY B 144 -23.65 -23.54 -9.80
CA GLY B 144 -24.18 -23.45 -11.14
C GLY B 144 -25.49 -24.18 -11.28
N ASN B 145 -25.88 -24.39 -12.54
CA ASN B 145 -27.09 -25.13 -12.85
C ASN B 145 -26.80 -26.54 -13.33
N LYS B 146 -25.56 -26.99 -13.20
CA LYS B 146 -25.06 -28.29 -13.62
C LYS B 146 -24.66 -29.10 -12.39
N PRO B 147 -24.81 -30.42 -12.42
CA PRO B 147 -24.54 -31.21 -11.21
C PRO B 147 -23.05 -31.45 -11.00
N CYS B 148 -22.68 -31.61 -9.73
CA CYS B 148 -21.29 -31.63 -9.31
C CYS B 148 -20.69 -33.03 -9.25
N ASN B 149 -21.53 -34.07 -9.18
CA ASN B 149 -21.07 -35.47 -9.17
C ASN B 149 -20.14 -35.77 -8.00
N GLY B 150 -20.39 -35.13 -6.85
CA GLY B 150 -19.62 -35.43 -5.65
C GLY B 150 -18.17 -35.02 -5.69
N VAL B 151 -17.79 -34.12 -6.60
CA VAL B 151 -16.42 -33.64 -6.71
C VAL B 151 -16.47 -32.15 -7.00
N ALA B 152 -15.52 -31.41 -6.41
CA ALA B 152 -15.47 -29.97 -6.59
C ALA B 152 -14.89 -29.61 -7.96
N GLY B 153 -15.45 -28.57 -8.57
CA GLY B 153 -14.98 -28.09 -9.85
C GLY B 153 -15.52 -26.70 -10.09
N PHE B 154 -15.78 -26.38 -11.35
CA PHE B 154 -16.36 -25.09 -11.69
C PHE B 154 -17.77 -24.98 -11.14
N ASN B 155 -18.03 -23.90 -10.40
CA ASN B 155 -19.33 -23.65 -9.76
C ASN B 155 -19.74 -24.77 -8.82
N CYS B 156 -18.78 -25.53 -8.30
CA CYS B 156 -19.04 -26.63 -7.37
C CYS B 156 -17.95 -26.63 -6.32
N TYR B 157 -18.32 -26.27 -5.09
CA TYR B 157 -17.34 -26.04 -4.04
C TYR B 157 -17.61 -26.95 -2.84
N PHE B 158 -16.52 -27.41 -2.22
CA PHE B 158 -16.61 -28.08 -0.94
C PHE B 158 -17.16 -27.09 0.08
N PRO B 159 -18.24 -27.42 0.79
CA PRO B 159 -18.97 -26.41 1.56
C PRO B 159 -18.26 -25.94 2.82
N LEU B 160 -17.20 -26.63 3.24
CA LEU B 160 -16.60 -26.42 4.56
C LEU B 160 -15.20 -25.86 4.38
N GLN B 161 -14.88 -24.79 5.12
CA GLN B 161 -13.64 -24.07 4.95
C GLN B 161 -12.94 -23.92 6.29
N SER B 162 -11.63 -23.72 6.23
CA SER B 162 -10.78 -23.72 7.42
C SER B 162 -10.35 -22.30 7.79
N TYR B 163 -10.13 -22.10 9.09
CA TYR B 163 -9.70 -20.80 9.59
C TYR B 163 -8.19 -20.60 9.45
N GLY B 164 -7.40 -21.67 9.50
CA GLY B 164 -5.96 -21.57 9.38
C GLY B 164 -5.33 -20.67 10.42
N PHE B 165 -5.73 -20.84 11.68
CA PHE B 165 -5.29 -19.94 12.74
C PHE B 165 -3.79 -19.93 12.87
N ARG B 166 -3.21 -18.72 12.88
CA ARG B 166 -1.79 -18.51 13.11
C ARG B 166 -1.62 -17.51 14.23
N PRO B 167 -0.58 -17.66 15.06
CA PRO B 167 -0.48 -16.84 16.28
C PRO B 167 -0.30 -15.35 16.01
N THR B 168 0.18 -14.97 14.83
CA THR B 168 0.45 -13.58 14.53
C THR B 168 -0.74 -12.87 13.87
N TYR B 169 -1.88 -13.54 13.71
CA TYR B 169 -3.07 -12.89 13.21
C TYR B 169 -3.52 -11.79 14.18
N GLY B 170 -4.24 -10.82 13.63
CA GLY B 170 -4.86 -9.81 14.48
C GLY B 170 -5.90 -10.41 15.39
N VAL B 171 -6.31 -9.61 16.38
CA VAL B 171 -7.27 -10.08 17.38
C VAL B 171 -8.54 -10.57 16.72
N GLY B 172 -8.95 -9.91 15.63
CA GLY B 172 -10.16 -10.30 14.95
C GLY B 172 -10.10 -11.68 14.34
N HIS B 173 -8.92 -12.10 13.87
CA HIS B 173 -8.76 -13.38 13.22
C HIS B 173 -8.22 -14.47 14.15
N GLN B 174 -7.94 -14.14 15.40
CA GLN B 174 -7.46 -15.13 16.36
C GLN B 174 -8.60 -16.05 16.80
N PRO B 175 -8.27 -17.27 17.22
CA PRO B 175 -9.32 -18.22 17.62
C PRO B 175 -9.88 -17.90 19.00
N TYR B 176 -11.20 -18.08 19.13
CA TYR B 176 -11.90 -17.88 20.39
C TYR B 176 -12.75 -19.11 20.70
N ARG B 177 -12.58 -19.64 21.91
CA ARG B 177 -13.42 -20.74 22.36
C ARG B 177 -14.71 -20.19 22.94
N VAL B 178 -15.84 -20.76 22.54
CA VAL B 178 -17.16 -20.25 22.88
C VAL B 178 -17.97 -21.34 23.57
N VAL B 179 -18.67 -20.96 24.64
CA VAL B 179 -19.60 -21.86 25.33
C VAL B 179 -20.96 -21.17 25.37
N VAL B 180 -22.00 -21.91 25.01
CA VAL B 180 -23.37 -21.40 24.99
C VAL B 180 -24.19 -22.25 25.96
N LEU B 181 -24.48 -21.69 27.13
CA LEU B 181 -25.33 -22.35 28.11
C LEU B 181 -26.79 -22.06 27.79
N SER B 182 -27.53 -23.09 27.39
CA SER B 182 -28.97 -22.97 27.18
C SER B 182 -29.71 -23.51 28.40
N PHE B 183 -30.77 -22.81 28.80
CA PHE B 183 -31.52 -23.16 29.99
C PHE B 183 -32.93 -23.57 29.59
N GLU B 184 -33.26 -24.84 29.78
CA GLU B 184 -34.54 -25.39 29.40
C GLU B 184 -35.54 -25.28 30.54
N LEU B 185 -36.76 -24.85 30.21
CA LEU B 185 -37.83 -24.68 31.19
C LEU B 185 -39.07 -25.40 30.67
N LEU B 186 -39.31 -26.61 31.15
CA LEU B 186 -40.44 -27.44 30.75
C LEU B 186 -41.32 -27.72 31.96
N HIS B 187 -42.34 -28.55 31.76
CA HIS B 187 -43.19 -29.03 32.84
C HIS B 187 -42.64 -30.37 33.30
N ALA B 188 -41.65 -30.32 34.19
CA ALA B 188 -40.91 -31.50 34.63
C ALA B 188 -40.24 -31.16 35.95
N PRO B 189 -39.76 -32.17 36.70
CA PRO B 189 -39.25 -31.92 38.06
C PRO B 189 -38.21 -30.82 38.22
N ALA B 190 -37.56 -30.37 37.14
CA ALA B 190 -36.59 -29.27 37.19
C ALA B 190 -35.43 -29.60 38.13
N THR B 191 -34.62 -30.57 37.69
CA THR B 191 -33.61 -31.21 38.54
C THR B 191 -32.20 -30.67 38.32
N VAL B 192 -32.01 -29.37 38.08
CA VAL B 192 -30.68 -28.78 37.97
C VAL B 192 -30.67 -27.48 38.79
N CYS B 193 -30.09 -27.55 39.98
CA CYS B 193 -30.09 -26.42 40.93
C CYS B 193 -28.73 -26.38 41.61
N GLY B 194 -28.66 -25.66 42.73
CA GLY B 194 -27.54 -25.74 43.63
C GLY B 194 -27.09 -24.40 44.17
N PRO B 195 -27.04 -24.28 45.52
CA PRO B 195 -26.49 -23.10 46.20
C PRO B 195 -24.96 -23.07 46.16
#